data_8IHM
#
_entry.id   8IHM
#
_cell.length_a   1.00
_cell.length_b   1.00
_cell.length_c   1.00
_cell.angle_alpha   90.00
_cell.angle_beta   90.00
_cell.angle_gamma   90.00
#
_symmetry.space_group_name_H-M   'P 1'
#
loop_
_entity.id
_entity.type
_entity.pdbx_description
1 polymer 'Histone H3'
2 polymer 'Histone H4'
3 polymer 'Histone H2A'
4 polymer 'Histone H2B'
5 polymer 'DNA (164-MER)'
6 polymer 'DNA (165-MER)'
7 polymer Rco1-ABR
8 polymer 'Chromatin modification-related protein EAF3'
#
loop_
_entity_poly.entity_id
_entity_poly.type
_entity_poly.pdbx_seq_one_letter_code
_entity_poly.pdbx_strand_id
1 'polypeptide(L)'
;ARTKQTARKSTGGKAPRKQLATKAARKSAPATGGV(ML3)KPHRYRPGTVALREIRRYQKSTELLIRKLPFQRLVREIAQ
DFKTDLRFQSSAVMALQEASEAYLVALFEDTNLAAIHAKRVTIMPKDIQLARRIRGERA
;
A,E
2 'polypeptide(L)'
;SGRGKGGKGLGKGGAKRHRKVLRDNIQGITKPAIRRLARRGGVKRISGLIYEETRGVLKVFLENVIRDAVTYTEHAKRKT
VTAMDVVYALKRQGRTLYGFGG
;
B,F
3 'polypeptide(L)'
;SGRGKQGGKTRAKAKTRSSRAGLQFPVGRVHRLLRKGNYAERVGAGAPVYLAAVLEYLTAEILELAGNAARDNKKTRIIP
RHLQLAVRNDEELNKLLGRVTIAQGGVLPNIQSVLLPKKTESSKSAKSK
;
C,G
4 'polypeptide(L)'
;AKSAPAPKKGSKKAVTKTQKKDGKKRRKTRKESYAIYVYKVLKQVHPDTGISSKAMSIMNSFVNDVFERIAGEASRLAHY
NKRSTITSREIQTAVRLLLPGELAKHAVSEGTKAVTKYTSAK
;
D,H
5 'polydeoxyribonucleotide'
;(DT)(DC)(DG)(DC)(DC)(DC)(DT)(DT)(DA)(DC)(DT)(DG)(DG)(DC)(DC)(DG)(DC)(DC)(DC)(DT)
(DG)(DG)(DA)(DG)(DA)(DA)(DT)(DC)(DC)(DC)(DG)(DG)(DT)(DG)(DC)(DC)(DG)(DA)(DG)(DG)
(DC)(DC)(DG)(DC)(DT)(DC)(DA)(DA)(DT)(DT)(DG)(DG)(DT)(DC)(DG)(DT)(DA)(DG)(DA)(DC)
(DA)(DG)(DC)(DT)(DC)(DT)(DA)(DG)(DC)(DA)(DC)(DC)(DG)(DC)(DT)(DT)(DA)(DA)(DA)(DC)
(DG)(DC)(DA)(DC)(DG)(DT)(DA)(DC)(DG)(DC)(DG)(DC)(DT)(DG)(DT)(DC)(DC)(DC)(DC)(DC)
(DG)(DC)(DG)(DT)(DT)(DT)(DT)(DA)(DA)(DC)(DC)(DG)(DC)(DC)(DA)(DA)(DG)(DG)(DG)(DG)
(DA)(DT)(DT)(DA)(DC)(DT)(DC)(DC)(DC)(DT)(DA)(DG)(DT)(DC)(DT)(DC)(DC)(DA)(DG)(DG)
(DC)(DA)(DC)(DG)(DT)(DG)(DT)(DC)(DA)(DG)(DA)(DT)(DA)(DT)(DA)(DT)(DA)(DC)(DA)(DT)
(DC)(DC)(DT)(DG)
;
I
6 'polydeoxyribonucleotide'
;(DC)(DA)(DG)(DG)(DA)(DT)(DG)(DT)(DA)(DT)(DA)(DT)(DA)(DT)(DC)(DT)(DG)(DA)(DC)(DA)
(DC)(DG)(DT)(DG)(DC)(DC)(DT)(DG)(DG)(DA)(DG)(DA)(DC)(DT)(DA)(DG)(DG)(DG)(DA)(DG)
(DT)(DA)(DA)(DT)(DC)(DC)(DC)(DC)(DT)(DT)(DG)(DG)(DC)(DG)(DG)(DT)(DT)(DA)(DA)(DA)
(DA)(DC)(DG)(DC)(DG)(DG)(DG)(DG)(DG)(DA)(DC)(DA)(DG)(DC)(DG)(DC)(DG)(DT)(DA)(DC)
(DG)(DT)(DG)(DC)(DG)(DT)(DT)(DT)(DA)(DA)(DG)(DC)(DG)(DG)(DT)(DG)(DC)(DT)(DA)(DG)
(DA)(DG)(DC)(DT)(DG)(DT)(DC)(DT)(DA)(DC)(DG)(DA)(DC)(DC)(DA)(DA)(DT)(DT)(DG)(DA)
(DG)(DC)(DG)(DG)(DC)(DC)(DT)(DC)(DG)(DG)(DC)(DA)(DC)(DC)(DG)(DG)(DG)(DA)(DT)(DT)
(DC)(DT)(DC)(DC)(DA)(DG)(DG)(DG)(DC)(DG)(DG)(DC)(DC)(DA)(DG)(DT)(DA)(DA)(DG)(DG)
(DG)(DC)(DG)(DA)(DC)
;
J
7 'polypeptide(L)' RRKIITSEGIERSFKNEH M
8 'polypeptide(L)'
;RCLAFHGPLMYEAKILKIWDPSSKMYTSIPNDKPGGSSQATKEIKPQKLGEDESIPEEIINGKCFFIHYQGWKSSWDEWV
GYDRIRAYNEENIAMKKRLANEAKEAKKSLLEQQKKKKL
;
N
#
loop_
_chem_comp.id
_chem_comp.type
_chem_comp.name
_chem_comp.formula
DA DNA linking 2'-DEOXYADENOSINE-5'-MONOPHOSPHATE 'C10 H14 N5 O6 P'
DC DNA linking 2'-DEOXYCYTIDINE-5'-MONOPHOSPHATE 'C9 H14 N3 O7 P'
DG DNA linking 2'-DEOXYGUANOSINE-5'-MONOPHOSPHATE 'C10 H14 N5 O7 P'
DT DNA linking THYMIDINE-5'-MONOPHOSPHATE 'C10 H15 N2 O8 P'
#
# COMPACT_ATOMS: atom_id res chain seq x y z
N PRO A 38 46.08 -7.59 30.56
CA PRO A 38 45.89 -8.22 29.25
C PRO A 38 45.41 -7.23 28.19
N HIS A 39 45.13 -7.73 26.99
CA HIS A 39 44.70 -6.91 25.87
C HIS A 39 43.26 -7.25 25.52
N ARG A 40 42.42 -6.22 25.42
CA ARG A 40 41.03 -6.39 25.05
C ARG A 40 40.62 -5.25 24.12
N TYR A 41 39.74 -5.55 23.18
CA TYR A 41 39.13 -4.49 22.38
C TYR A 41 38.00 -3.85 23.17
N ARG A 42 37.90 -2.52 23.06
CA ARG A 42 36.77 -1.84 23.64
C ARG A 42 35.47 -2.40 23.05
N PRO A 43 34.36 -2.32 23.77
CA PRO A 43 33.09 -2.80 23.22
C PRO A 43 32.76 -2.08 21.93
N GLY A 44 32.27 -2.85 20.96
CA GLY A 44 31.85 -2.33 19.68
C GLY A 44 32.88 -2.47 18.57
N THR A 45 34.17 -2.41 18.90
CA THR A 45 35.18 -2.44 17.87
C THR A 45 35.21 -3.78 17.15
N VAL A 46 34.94 -4.87 17.87
CA VAL A 46 34.87 -6.18 17.23
C VAL A 46 33.55 -6.33 16.48
N ALA A 47 32.50 -5.69 16.97
CA ALA A 47 31.22 -5.74 16.28
C ALA A 47 31.37 -5.30 14.83
N LEU A 48 31.92 -4.11 14.61
CA LEU A 48 32.13 -3.63 13.24
C LEU A 48 33.01 -4.59 12.46
N ARG A 49 34.06 -5.12 13.10
CA ARG A 49 34.91 -6.11 12.43
C ARG A 49 34.12 -7.36 12.09
N GLU A 50 33.10 -7.67 12.89
CA GLU A 50 32.26 -8.83 12.58
C GLU A 50 31.31 -8.52 11.42
N ILE A 51 30.94 -7.26 11.24
CA ILE A 51 30.06 -6.91 10.13
C ILE A 51 30.81 -7.03 8.80
N ARG A 52 31.89 -6.26 8.64
CA ARG A 52 32.64 -6.31 7.39
C ARG A 52 33.13 -7.71 7.07
N ARG A 53 33.29 -8.57 8.08
CA ARG A 53 33.61 -9.96 7.83
C ARG A 53 32.40 -10.76 7.37
N TYR A 54 31.20 -10.23 7.52
CA TYR A 54 30.00 -10.93 7.07
C TYR A 54 29.35 -10.28 5.86
N GLN A 55 29.17 -8.96 5.87
CA GLN A 55 28.56 -8.30 4.72
C GLN A 55 29.40 -8.45 3.46
N LYS A 56 30.64 -8.91 3.60
CA LYS A 56 31.46 -9.19 2.43
C LYS A 56 31.30 -10.63 1.96
N SER A 57 30.73 -11.50 2.79
CA SER A 57 30.64 -12.91 2.49
C SER A 57 29.19 -13.33 2.20
N THR A 58 29.06 -14.45 1.49
CA THR A 58 27.76 -14.94 1.04
C THR A 58 27.40 -16.30 1.64
N GLU A 59 28.30 -16.90 2.42
CA GLU A 59 28.06 -18.22 2.98
C GLU A 59 26.82 -18.22 3.87
N LEU A 60 26.14 -19.37 3.94
CA LEU A 60 24.93 -19.48 4.72
C LEU A 60 25.22 -19.35 6.20
N LEU A 61 24.38 -18.62 6.92
CA LEU A 61 24.65 -18.35 8.32
C LEU A 61 23.93 -19.32 9.26
N ILE A 62 22.65 -19.57 9.02
CA ILE A 62 21.92 -20.52 9.85
C ILE A 62 22.52 -21.90 9.67
N ARG A 63 22.79 -22.58 10.78
CA ARG A 63 23.34 -23.93 10.70
C ARG A 63 22.36 -24.84 9.99
N LYS A 64 22.88 -25.72 9.14
CA LYS A 64 22.02 -26.44 8.21
C LYS A 64 21.24 -27.55 8.91
N LEU A 65 21.94 -28.53 9.47
CA LEU A 65 21.23 -29.64 10.11
C LEU A 65 20.28 -29.22 11.23
N PRO A 66 20.44 -28.08 11.90
CA PRO A 66 19.36 -27.64 12.80
C PRO A 66 18.22 -26.97 12.07
N PHE A 67 18.43 -26.58 10.82
CA PHE A 67 17.34 -26.02 10.04
C PHE A 67 16.51 -27.14 9.43
N GLN A 68 17.18 -28.10 8.80
CA GLN A 68 16.50 -29.29 8.30
C GLN A 68 15.51 -29.84 9.32
N ARG A 69 15.92 -29.96 10.57
CA ARG A 69 15.01 -30.48 11.57
C ARG A 69 13.96 -29.47 11.97
N LEU A 70 14.15 -28.20 11.63
CA LEU A 70 13.11 -27.22 11.90
C LEU A 70 12.05 -27.23 10.82
N VAL A 71 12.43 -27.42 9.56
CA VAL A 71 11.46 -27.47 8.49
C VAL A 71 10.60 -28.71 8.61
N ARG A 72 11.21 -29.86 8.90
CA ARG A 72 10.43 -31.08 9.07
C ARG A 72 9.37 -30.92 10.14
N GLU A 73 9.74 -30.32 11.28
CA GLU A 73 8.79 -30.16 12.37
C GLU A 73 7.59 -29.32 11.93
N ILE A 74 7.83 -28.32 11.08
CA ILE A 74 6.72 -27.48 10.63
C ILE A 74 5.84 -28.23 9.65
N ALA A 75 6.44 -29.07 8.80
CA ALA A 75 5.66 -29.72 7.75
C ALA A 75 4.66 -30.71 8.34
N GLN A 76 4.98 -31.31 9.48
CA GLN A 76 4.13 -32.37 10.03
C GLN A 76 2.69 -31.91 10.17
N ASP A 77 2.45 -30.83 10.92
CA ASP A 77 1.07 -30.44 11.17
C ASP A 77 0.35 -29.91 9.94
N PHE A 78 0.99 -29.93 8.77
CA PHE A 78 0.32 -29.65 7.50
C PHE A 78 0.08 -30.90 6.68
N LYS A 79 0.96 -31.88 6.79
CA LYS A 79 0.81 -33.18 6.15
C LYS A 79 1.86 -34.09 6.76
N THR A 80 1.56 -35.38 6.79
CA THR A 80 2.40 -36.35 7.48
C THR A 80 3.21 -37.16 6.47
N ASP A 81 4.43 -37.50 6.88
CA ASP A 81 5.34 -38.35 6.11
C ASP A 81 5.89 -37.64 4.88
N LEU A 82 6.04 -36.32 4.93
CA LEU A 82 6.64 -35.61 3.82
C LEU A 82 8.11 -36.01 3.66
N ARG A 83 8.61 -35.84 2.45
CA ARG A 83 10.02 -36.07 2.13
C ARG A 83 10.52 -34.89 1.32
N PHE A 84 11.48 -34.15 1.86
CA PHE A 84 11.95 -32.94 1.22
C PHE A 84 13.17 -33.23 0.36
N GLN A 85 13.14 -32.75 -0.88
CA GLN A 85 14.36 -32.80 -1.67
C GLN A 85 15.44 -31.95 -1.01
N SER A 86 16.66 -32.49 -0.94
CA SER A 86 17.74 -31.78 -0.31
C SER A 86 17.99 -30.43 -0.94
N SER A 87 17.43 -30.19 -2.13
CA SER A 87 17.46 -28.85 -2.69
C SER A 87 16.39 -27.95 -2.08
N ALA A 88 15.22 -28.51 -1.77
CA ALA A 88 14.12 -27.68 -1.29
C ALA A 88 14.26 -27.34 0.18
N VAL A 89 15.26 -27.90 0.86
CA VAL A 89 15.57 -27.40 2.18
C VAL A 89 16.53 -26.22 2.07
N MET A 90 17.42 -26.26 1.11
CA MET A 90 18.23 -25.08 0.81
C MET A 90 17.35 -23.90 0.41
N ALA A 91 16.56 -24.06 -0.66
CA ALA A 91 15.74 -22.97 -1.16
C ALA A 91 14.88 -22.34 -0.07
N LEU A 92 14.57 -23.07 0.99
CA LEU A 92 13.94 -22.43 2.13
C LEU A 92 14.95 -21.63 2.93
N GLN A 93 16.13 -22.19 3.14
CA GLN A 93 17.09 -21.52 4.01
C GLN A 93 17.56 -20.21 3.40
N GLU A 94 17.95 -20.24 2.12
CA GLU A 94 18.39 -18.99 1.48
C GLU A 94 17.27 -17.97 1.42
N ALA A 95 16.02 -18.39 1.53
CA ALA A 95 14.94 -17.42 1.62
C ALA A 95 14.81 -16.89 3.05
N SER A 96 14.69 -17.78 4.02
CA SER A 96 14.49 -17.33 5.39
C SER A 96 15.73 -16.69 5.99
N GLU A 97 16.85 -16.75 5.31
CA GLU A 97 17.98 -16.05 5.86
C GLU A 97 17.78 -14.63 5.37
N ALA A 98 17.45 -14.47 4.10
CA ALA A 98 17.30 -13.14 3.57
C ALA A 98 16.17 -12.40 4.25
N TYR A 99 15.06 -13.07 4.49
CA TYR A 99 13.95 -12.38 5.08
C TYR A 99 14.45 -11.75 6.33
N LEU A 100 15.23 -12.48 7.10
CA LEU A 100 15.65 -11.92 8.38
C LEU A 100 16.62 -10.76 8.19
N VAL A 101 17.54 -10.88 7.24
CA VAL A 101 18.52 -9.81 7.07
C VAL A 101 17.84 -8.52 6.67
N ALA A 102 16.78 -8.60 5.87
CA ALA A 102 16.01 -7.40 5.57
C ALA A 102 15.35 -6.87 6.83
N LEU A 103 14.71 -7.75 7.59
CA LEU A 103 14.05 -7.34 8.82
C LEU A 103 15.02 -6.65 9.76
N PHE A 104 16.25 -7.12 9.82
CA PHE A 104 17.20 -6.53 10.74
C PHE A 104 17.69 -5.18 10.25
N GLU A 105 17.83 -4.99 8.94
CA GLU A 105 18.13 -3.65 8.43
C GLU A 105 17.01 -2.68 8.78
N ASP A 106 15.76 -3.10 8.63
CA ASP A 106 14.65 -2.21 8.95
C ASP A 106 14.62 -1.89 10.44
N THR A 107 14.90 -2.87 11.30
CA THR A 107 14.92 -2.60 12.72
C THR A 107 16.09 -1.71 13.10
N ASN A 108 17.25 -1.92 12.49
CA ASN A 108 18.36 -1.03 12.74
C ASN A 108 17.99 0.40 12.38
N LEU A 109 17.27 0.59 11.27
CA LEU A 109 16.78 1.92 10.94
C LEU A 109 15.86 2.45 12.03
N ALA A 110 14.93 1.61 12.50
CA ALA A 110 14.00 2.07 13.53
C ALA A 110 14.73 2.45 14.81
N ALA A 111 15.82 1.77 15.13
CA ALA A 111 16.54 2.07 16.36
C ALA A 111 17.39 3.33 16.20
N ILE A 112 18.13 3.45 15.10
CA ILE A 112 18.80 4.70 14.81
C ILE A 112 17.82 5.85 14.87
N HIS A 113 16.58 5.60 14.48
CA HIS A 113 15.54 6.61 14.60
C HIS A 113 15.24 6.92 16.06
N ALA A 114 14.92 5.89 16.85
CA ALA A 114 14.60 6.10 18.25
C ALA A 114 15.77 6.67 19.05
N LYS A 115 16.93 6.82 18.42
CA LYS A 115 18.14 7.45 18.94
C LYS A 115 18.96 6.55 19.85
N ARG A 116 18.65 5.26 19.92
CA ARG A 116 19.50 4.30 20.58
C ARG A 116 20.14 3.41 19.53
N VAL A 117 21.15 2.66 19.95
CA VAL A 117 21.88 1.83 18.99
C VAL A 117 21.40 0.39 18.98
N THR A 118 20.93 -0.12 20.11
CA THR A 118 20.63 -1.53 20.26
C THR A 118 19.20 -1.82 19.82
N ILE A 119 19.04 -2.63 18.78
CA ILE A 119 17.71 -3.05 18.39
C ILE A 119 17.03 -3.79 19.54
N MET A 120 15.71 -3.77 19.54
CA MET A 120 14.93 -4.39 20.61
C MET A 120 13.61 -4.84 20.05
N PRO A 121 12.88 -5.68 20.77
CA PRO A 121 11.61 -6.19 20.24
C PRO A 121 10.62 -5.09 19.88
N LYS A 122 10.68 -3.94 20.55
CA LYS A 122 9.89 -2.80 20.08
C LYS A 122 10.23 -2.50 18.64
N ASP A 123 11.52 -2.47 18.33
CA ASP A 123 11.94 -2.20 16.97
C ASP A 123 11.49 -3.29 16.01
N ILE A 124 11.60 -4.55 16.42
CA ILE A 124 11.15 -5.64 15.54
C ILE A 124 9.67 -5.47 15.21
N GLN A 125 8.85 -5.28 16.25
CA GLN A 125 7.41 -5.20 16.04
C GLN A 125 7.04 -3.99 15.20
N LEU A 126 7.75 -2.88 15.38
CA LEU A 126 7.45 -1.71 14.55
C LEU A 126 7.86 -1.95 13.11
N ALA A 127 9.06 -2.47 12.89
CA ALA A 127 9.50 -2.70 11.52
C ALA A 127 8.64 -3.72 10.81
N ARG A 128 7.90 -4.54 11.57
CA ARG A 128 6.93 -5.40 10.90
C ARG A 128 5.60 -4.70 10.68
N ARG A 129 5.12 -3.94 11.68
CA ARG A 129 3.83 -3.27 11.53
C ARG A 129 3.87 -2.27 10.38
N ILE A 130 4.94 -1.50 10.26
CA ILE A 130 5.01 -0.49 9.22
C ILE A 130 5.07 -1.14 7.86
N ARG A 131 5.71 -2.30 7.75
CA ARG A 131 5.74 -3.01 6.48
C ARG A 131 4.35 -3.45 6.06
N GLY A 132 3.40 -3.49 6.99
CA GLY A 132 2.12 -4.07 6.71
C GLY A 132 2.13 -5.58 6.59
N GLU A 133 3.28 -6.22 6.75
CA GLU A 133 3.37 -7.66 6.68
C GLU A 133 2.95 -8.34 7.98
N ARG A 134 2.28 -7.62 8.86
CA ARG A 134 1.71 -8.24 10.05
C ARG A 134 0.44 -8.97 9.66
N LEU B 22 12.11 -34.21 18.00
CA LEU B 22 11.81 -32.95 17.34
C LEU B 22 10.77 -32.13 18.12
N ARG B 23 10.77 -32.29 19.44
CA ARG B 23 9.81 -31.56 20.28
C ARG B 23 10.04 -30.06 20.20
N ASP B 24 11.28 -29.63 20.44
CA ASP B 24 11.67 -28.23 20.30
C ASP B 24 12.89 -28.16 19.39
N ASN B 25 12.69 -27.70 18.16
CA ASN B 25 13.81 -27.42 17.29
C ASN B 25 14.02 -25.94 17.05
N ILE B 26 13.01 -25.11 17.31
CA ILE B 26 13.21 -23.68 17.15
C ILE B 26 14.22 -23.18 18.15
N GLN B 27 14.40 -23.89 19.27
CA GLN B 27 15.52 -23.59 20.15
C GLN B 27 16.85 -24.00 19.54
N GLY B 28 16.83 -24.63 18.36
CA GLY B 28 18.07 -25.01 17.71
C GLY B 28 18.70 -23.87 16.96
N ILE B 29 17.89 -22.96 16.44
CA ILE B 29 18.42 -21.73 15.88
C ILE B 29 18.99 -20.94 17.05
N THR B 30 20.32 -20.87 17.12
CA THR B 30 20.98 -20.57 18.38
C THR B 30 20.91 -19.08 18.69
N LYS B 31 21.65 -18.67 19.70
CA LYS B 31 21.86 -17.25 19.94
C LYS B 31 22.92 -16.73 18.99
N PRO B 32 24.08 -17.40 18.83
CA PRO B 32 25.02 -16.94 17.81
C PRO B 32 24.47 -17.02 16.41
N ALA B 33 23.45 -17.85 16.16
CA ALA B 33 22.86 -17.86 14.83
C ALA B 33 22.21 -16.53 14.52
N ILE B 34 21.31 -16.09 15.40
CA ILE B 34 20.68 -14.78 15.21
C ILE B 34 21.73 -13.68 15.21
N ARG B 35 22.63 -13.72 16.18
CA ARG B 35 23.67 -12.70 16.26
C ARG B 35 24.46 -12.63 14.97
N ARG B 36 24.74 -13.77 14.35
CA ARG B 36 25.47 -13.73 13.09
C ARG B 36 24.64 -13.07 12.00
N LEU B 37 23.35 -13.40 11.94
CA LEU B 37 22.48 -12.82 10.92
C LEU B 37 22.42 -11.30 11.06
N ALA B 38 22.00 -10.83 12.22
CA ALA B 38 21.89 -9.39 12.41
C ALA B 38 23.22 -8.69 12.17
N ARG B 39 24.33 -9.35 12.47
CA ARG B 39 25.62 -8.75 12.15
C ARG B 39 25.73 -8.49 10.65
N ARG B 40 25.23 -9.41 9.83
CA ARG B 40 25.16 -9.13 8.40
C ARG B 40 24.16 -8.02 8.13
N GLY B 41 23.09 -7.97 8.89
CA GLY B 41 22.09 -6.95 8.65
C GLY B 41 22.64 -5.54 8.82
N GLY B 42 23.47 -5.34 9.82
CA GLY B 42 24.06 -4.03 10.00
C GLY B 42 24.02 -3.54 11.42
N VAL B 43 23.39 -4.29 12.32
CA VAL B 43 23.25 -3.82 13.70
C VAL B 43 24.60 -3.80 14.39
N LYS B 44 24.61 -3.26 15.59
CA LYS B 44 25.84 -3.22 16.37
C LYS B 44 25.64 -3.94 17.67
N ARG B 45 24.70 -3.45 18.47
CA ARG B 45 24.41 -4.11 19.72
C ARG B 45 23.04 -4.72 19.67
N ILE B 46 22.93 -6.01 19.95
CA ILE B 46 21.63 -6.68 19.94
C ILE B 46 21.12 -6.97 21.34
N SER B 47 20.00 -6.38 21.71
CA SER B 47 19.46 -6.55 23.04
C SER B 47 19.03 -7.95 23.27
N GLY B 48 19.19 -8.43 24.48
CA GLY B 48 18.85 -9.80 24.80
C GLY B 48 17.52 -10.36 24.39
N LEU B 49 16.45 -9.57 24.42
CA LEU B 49 15.15 -10.15 24.14
C LEU B 49 14.93 -10.44 22.67
N ILE B 50 15.84 -10.02 21.79
CA ILE B 50 15.70 -10.33 20.38
C ILE B 50 15.85 -11.82 20.13
N TYR B 51 16.91 -12.41 20.70
CA TYR B 51 17.25 -13.79 20.40
C TYR B 51 16.07 -14.73 20.55
N GLU B 52 15.17 -14.44 21.49
CA GLU B 52 13.94 -15.20 21.56
C GLU B 52 12.94 -14.67 20.55
N GLU B 53 12.80 -13.35 20.45
CA GLU B 53 11.72 -12.78 19.65
C GLU B 53 11.91 -13.02 18.16
N THR B 54 13.16 -13.09 17.69
CA THR B 54 13.37 -13.40 16.29
C THR B 54 12.80 -14.77 15.95
N ARG B 55 13.00 -15.75 16.82
CA ARG B 55 12.43 -17.07 16.58
C ARG B 55 10.94 -17.00 16.35
N GLY B 56 10.24 -16.10 17.05
CA GLY B 56 8.82 -15.95 16.82
C GLY B 56 8.51 -15.46 15.42
N VAL B 57 9.37 -14.63 14.85
CA VAL B 57 9.15 -14.17 13.49
C VAL B 57 9.48 -15.26 12.49
N LEU B 58 10.67 -15.86 12.62
CA LEU B 58 11.08 -16.87 11.66
C LEU B 58 10.08 -18.02 11.61
N LYS B 59 9.60 -18.46 12.76
CA LYS B 59 8.58 -19.50 12.79
C LYS B 59 7.37 -19.11 11.96
N VAL B 60 6.80 -17.93 12.21
CA VAL B 60 5.57 -17.57 11.52
C VAL B 60 5.85 -17.25 10.06
N PHE B 61 7.12 -17.14 9.69
CA PHE B 61 7.44 -17.06 8.27
C PHE B 61 7.35 -18.43 7.61
N LEU B 62 7.97 -19.44 8.23
CA LEU B 62 7.96 -20.76 7.62
C LEU B 62 6.54 -21.33 7.57
N GLU B 63 5.76 -21.11 8.63
CA GLU B 63 4.40 -21.64 8.63
C GLU B 63 3.58 -21.09 7.48
N ASN B 64 4.02 -19.99 6.87
CA ASN B 64 3.33 -19.49 5.69
C ASN B 64 3.95 -20.02 4.41
N VAL B 65 5.27 -20.11 4.36
CA VAL B 65 5.92 -20.58 3.15
C VAL B 65 5.68 -22.06 2.95
N ILE B 66 5.76 -22.84 4.03
CA ILE B 66 5.55 -24.27 3.91
C ILE B 66 4.11 -24.59 3.57
N ARG B 67 3.16 -24.03 4.34
CA ARG B 67 1.75 -24.29 4.12
C ARG B 67 1.33 -24.00 2.69
N ASP B 68 2.08 -23.16 1.99
CA ASP B 68 1.83 -23.00 0.56
C ASP B 68 2.58 -24.06 -0.24
N ALA B 69 3.84 -24.31 0.10
CA ALA B 69 4.62 -25.29 -0.65
C ALA B 69 3.99 -26.67 -0.58
N VAL B 70 3.41 -27.01 0.57
CA VAL B 70 2.76 -28.31 0.70
C VAL B 70 1.54 -28.39 -0.22
N THR B 71 0.80 -27.29 -0.34
CA THR B 71 -0.43 -27.33 -1.11
C THR B 71 -0.15 -27.56 -2.59
N TYR B 72 0.84 -26.88 -3.15
CA TYR B 72 1.26 -27.22 -4.51
C TYR B 72 1.60 -28.69 -4.62
N THR B 73 2.37 -29.21 -3.66
CA THR B 73 2.70 -30.62 -3.64
C THR B 73 1.46 -31.49 -3.52
N GLU B 74 0.67 -31.27 -2.46
CA GLU B 74 -0.53 -32.06 -2.24
C GLU B 74 -1.46 -32.05 -3.45
N HIS B 75 -1.33 -31.06 -4.32
CA HIS B 75 -2.17 -31.03 -5.51
C HIS B 75 -1.66 -31.98 -6.57
N ALA B 76 -0.37 -31.90 -6.88
CA ALA B 76 0.19 -32.73 -7.93
C ALA B 76 0.24 -34.20 -7.58
N LYS B 77 -0.29 -34.59 -6.42
CA LYS B 77 -0.32 -35.93 -5.86
C LYS B 77 1.05 -36.38 -5.38
N ARG B 78 2.09 -35.59 -5.58
CA ARG B 78 3.42 -35.96 -5.14
C ARG B 78 3.45 -36.11 -3.62
N LYS B 79 4.51 -36.74 -3.13
CA LYS B 79 4.78 -36.86 -1.71
C LYS B 79 6.08 -36.22 -1.30
N THR B 80 6.61 -35.31 -2.12
CA THR B 80 7.89 -34.67 -1.84
C THR B 80 7.79 -33.19 -2.20
N VAL B 81 8.11 -32.34 -1.24
CA VAL B 81 8.09 -30.90 -1.48
C VAL B 81 9.38 -30.52 -2.19
N THR B 82 9.36 -30.49 -3.51
CA THR B 82 10.58 -30.22 -4.25
C THR B 82 10.81 -28.73 -4.42
N ALA B 83 12.05 -28.38 -4.75
CA ALA B 83 12.44 -26.98 -4.82
C ALA B 83 11.55 -26.20 -5.77
N MET B 84 11.18 -26.80 -6.90
CA MET B 84 10.25 -26.14 -7.79
C MET B 84 8.93 -25.80 -7.12
N ASP B 85 8.63 -26.42 -5.97
CA ASP B 85 7.47 -25.97 -5.22
C ASP B 85 7.78 -24.76 -4.38
N VAL B 86 8.84 -24.84 -3.58
CA VAL B 86 9.18 -23.75 -2.66
C VAL B 86 9.39 -22.45 -3.42
N VAL B 87 9.98 -22.52 -4.62
CA VAL B 87 10.13 -21.31 -5.42
C VAL B 87 8.76 -20.74 -5.77
N TYR B 88 7.79 -21.61 -6.04
CA TYR B 88 6.45 -21.12 -6.32
C TYR B 88 5.80 -20.54 -5.07
N ALA B 89 5.84 -21.28 -3.96
CA ALA B 89 5.24 -20.76 -2.73
C ALA B 89 5.84 -19.42 -2.35
N LEU B 90 7.15 -19.26 -2.55
CA LEU B 90 7.78 -17.98 -2.25
C LEU B 90 7.31 -16.88 -3.19
N LYS B 91 6.95 -17.24 -4.42
CA LYS B 91 6.63 -16.19 -5.40
C LYS B 91 5.38 -15.44 -5.03
N ARG B 92 4.34 -16.15 -4.60
CA ARG B 92 3.11 -15.47 -4.20
C ARG B 92 3.34 -14.57 -3.00
N GLN B 93 4.25 -14.97 -2.12
CA GLN B 93 4.61 -14.16 -0.96
C GLN B 93 5.13 -12.80 -1.38
N GLY B 94 5.38 -12.63 -2.67
CA GLY B 94 6.11 -11.50 -3.17
C GLY B 94 7.60 -11.67 -3.13
N ARG B 95 8.10 -12.53 -2.24
CA ARG B 95 9.54 -12.80 -2.14
C ARG B 95 9.90 -13.78 -3.24
N THR B 96 9.98 -13.27 -4.45
CA THR B 96 10.44 -14.08 -5.57
C THR B 96 11.83 -14.61 -5.30
N LEU B 97 12.08 -15.86 -5.67
CA LEU B 97 13.39 -16.46 -5.49
C LEU B 97 13.97 -16.82 -6.84
N TYR B 98 15.29 -16.70 -6.96
CA TYR B 98 16.01 -16.91 -8.19
C TYR B 98 17.05 -18.00 -8.01
N GLY B 99 17.29 -18.76 -9.07
CA GLY B 99 18.37 -19.72 -9.09
C GLY B 99 17.95 -21.17 -9.06
N PHE B 100 16.66 -21.46 -8.92
CA PHE B 100 16.22 -22.82 -8.77
C PHE B 100 15.21 -23.26 -9.82
N GLY B 101 14.42 -22.35 -10.36
CA GLY B 101 13.46 -22.68 -11.40
C GLY B 101 12.22 -21.83 -11.36
N ALA C 12 -37.21 -31.00 -24.40
CA ALA C 12 -37.17 -31.17 -22.96
C ALA C 12 -37.16 -29.82 -22.26
N LYS C 13 -37.69 -29.78 -21.04
CA LYS C 13 -37.79 -28.52 -20.30
C LYS C 13 -36.42 -28.08 -19.80
N ALA C 14 -36.17 -26.78 -19.84
CA ALA C 14 -34.88 -26.22 -19.51
C ALA C 14 -34.79 -25.93 -18.01
N LYS C 15 -33.81 -26.55 -17.35
CA LYS C 15 -33.49 -26.28 -15.96
C LYS C 15 -32.14 -25.60 -15.89
N THR C 16 -32.12 -24.38 -15.37
CA THR C 16 -30.88 -23.60 -15.38
C THR C 16 -29.81 -24.26 -14.52
N ARG C 17 -28.59 -24.25 -15.02
CA ARG C 17 -27.50 -24.95 -14.34
C ARG C 17 -27.25 -24.37 -12.96
N SER C 18 -27.60 -23.11 -12.73
CA SER C 18 -27.44 -22.54 -11.41
C SER C 18 -28.47 -23.11 -10.43
N SER C 19 -29.59 -23.63 -10.95
CA SER C 19 -30.55 -24.27 -10.08
C SER C 19 -30.02 -25.61 -9.58
N ARG C 20 -29.56 -26.47 -10.49
CA ARG C 20 -29.12 -27.80 -10.09
C ARG C 20 -28.02 -27.73 -9.05
N ALA C 21 -27.14 -26.75 -9.16
CA ALA C 21 -26.14 -26.58 -8.12
C ALA C 21 -26.75 -26.02 -6.84
N GLY C 22 -27.96 -25.48 -6.91
CA GLY C 22 -28.56 -24.83 -5.76
C GLY C 22 -28.01 -23.46 -5.46
N LEU C 23 -27.03 -23.00 -6.22
CA LEU C 23 -26.36 -21.73 -5.97
C LEU C 23 -27.24 -20.55 -6.34
N GLN C 24 -26.84 -19.38 -5.87
CA GLN C 24 -27.51 -18.14 -6.23
C GLN C 24 -26.79 -17.42 -7.35
N PHE C 25 -25.46 -17.28 -7.25
CA PHE C 25 -24.68 -16.78 -8.35
C PHE C 25 -24.92 -17.62 -9.60
N PRO C 26 -24.60 -17.10 -10.77
CA PRO C 26 -24.81 -17.89 -11.98
C PRO C 26 -23.61 -18.75 -12.28
N VAL C 27 -23.83 -20.04 -12.50
CA VAL C 27 -22.71 -20.89 -12.88
C VAL C 27 -22.43 -20.76 -14.36
N GLY C 28 -23.46 -20.58 -15.17
CA GLY C 28 -23.25 -20.42 -16.60
C GLY C 28 -22.35 -19.23 -16.90
N ARG C 29 -22.70 -18.06 -16.38
CA ARG C 29 -21.96 -16.84 -16.71
C ARG C 29 -20.50 -16.97 -16.33
N VAL C 30 -20.21 -17.69 -15.24
CA VAL C 30 -18.81 -17.95 -14.92
C VAL C 30 -18.20 -18.89 -15.95
N HIS C 31 -18.92 -19.97 -16.29
CA HIS C 31 -18.37 -20.97 -17.20
C HIS C 31 -17.96 -20.35 -18.52
N ARG C 32 -18.61 -19.26 -18.92
CA ARG C 32 -18.13 -18.53 -20.09
C ARG C 32 -16.88 -17.73 -19.74
N LEU C 33 -16.93 -16.99 -18.64
CA LEU C 33 -15.82 -16.10 -18.31
C LEU C 33 -14.50 -16.86 -18.21
N LEU C 34 -14.54 -18.12 -17.77
CA LEU C 34 -13.32 -18.90 -17.75
C LEU C 34 -12.79 -19.15 -19.16
N ARG C 35 -13.69 -19.34 -20.12
CA ARG C 35 -13.25 -19.53 -21.49
C ARG C 35 -12.72 -18.23 -22.08
N LYS C 36 -13.46 -17.13 -21.89
CA LYS C 36 -13.09 -15.89 -22.56
C LYS C 36 -11.79 -15.32 -22.00
N GLY C 37 -11.61 -15.40 -20.70
CA GLY C 37 -10.41 -14.83 -20.11
C GLY C 37 -9.12 -15.54 -20.48
N ASN C 38 -9.21 -16.65 -21.21
CA ASN C 38 -8.02 -17.40 -21.63
C ASN C 38 -7.20 -17.84 -20.43
N TYR C 39 -7.85 -18.54 -19.49
CA TYR C 39 -7.15 -19.02 -18.32
C TYR C 39 -6.52 -20.38 -18.56
N ALA C 40 -7.08 -21.16 -19.47
CA ALA C 40 -6.48 -22.43 -19.86
C ALA C 40 -7.13 -22.86 -21.16
N GLU C 41 -6.48 -23.81 -21.84
CA GLU C 41 -6.95 -24.17 -23.16
C GLU C 41 -8.26 -24.94 -23.12
N ARG C 42 -8.59 -25.53 -21.97
CA ARG C 42 -9.84 -26.24 -21.80
C ARG C 42 -10.33 -26.03 -20.36
N VAL C 43 -11.65 -26.01 -20.19
CA VAL C 43 -12.27 -25.78 -18.89
C VAL C 43 -13.20 -26.93 -18.57
N GLY C 44 -12.97 -27.60 -17.45
CA GLY C 44 -13.83 -28.69 -17.07
C GLY C 44 -15.21 -28.21 -16.67
N ALA C 45 -16.15 -29.16 -16.62
CA ALA C 45 -17.51 -28.82 -16.21
C ALA C 45 -17.65 -28.73 -14.71
N GLY C 46 -16.62 -29.12 -13.95
CA GLY C 46 -16.68 -28.99 -12.51
C GLY C 46 -16.22 -27.63 -12.02
N ALA C 47 -15.43 -26.92 -12.81
CA ALA C 47 -14.88 -25.65 -12.34
C ALA C 47 -15.93 -24.60 -12.09
N PRO C 48 -16.79 -24.23 -13.05
CA PRO C 48 -17.76 -23.17 -12.77
C PRO C 48 -18.62 -23.44 -11.55
N VAL C 49 -19.27 -24.60 -11.47
CA VAL C 49 -20.09 -24.90 -10.30
C VAL C 49 -19.30 -24.71 -9.03
N TYR C 50 -18.03 -25.08 -9.04
CA TYR C 50 -17.23 -24.93 -7.84
C TYR C 50 -16.82 -23.48 -7.64
N LEU C 51 -16.67 -22.73 -8.73
CA LEU C 51 -16.21 -21.36 -8.62
C LEU C 51 -17.33 -20.40 -8.27
N ALA C 52 -18.56 -20.72 -8.65
CA ALA C 52 -19.66 -19.86 -8.23
C ALA C 52 -19.91 -20.01 -6.74
N ALA C 53 -19.79 -21.23 -6.22
CA ALA C 53 -20.02 -21.42 -4.79
C ALA C 53 -19.10 -20.58 -3.95
N VAL C 54 -17.79 -20.65 -4.22
CA VAL C 54 -16.83 -19.87 -3.43
C VAL C 54 -17.17 -18.39 -3.48
N LEU C 55 -17.35 -17.86 -4.69
CA LEU C 55 -17.82 -16.48 -4.81
C LEU C 55 -19.09 -16.27 -4.02
N GLU C 56 -20.13 -17.05 -4.31
CA GLU C 56 -21.39 -16.90 -3.60
C GLU C 56 -21.22 -17.05 -2.10
N TYR C 57 -20.22 -17.80 -1.65
CA TYR C 57 -19.98 -17.85 -0.21
C TYR C 57 -19.42 -16.55 0.30
N LEU C 58 -18.32 -16.08 -0.29
CA LEU C 58 -17.70 -14.84 0.17
C LEU C 58 -18.66 -13.67 0.12
N THR C 59 -19.29 -13.44 -1.04
CA THR C 59 -20.30 -12.40 -1.11
C THR C 59 -21.42 -12.61 -0.12
N ALA C 60 -21.69 -13.86 0.26
CA ALA C 60 -22.61 -14.07 1.37
C ALA C 60 -21.94 -13.97 2.72
N GLU C 61 -20.67 -13.55 2.76
CA GLU C 61 -20.04 -13.27 4.04
C GLU C 61 -19.96 -11.77 4.31
N ILE C 62 -19.36 -11.01 3.41
CA ILE C 62 -19.21 -9.57 3.61
C ILE C 62 -20.57 -8.95 3.87
N LEU C 63 -21.61 -9.44 3.21
CA LEU C 63 -22.91 -8.82 3.38
C LEU C 63 -23.45 -9.03 4.79
N GLU C 64 -23.61 -10.29 5.22
CA GLU C 64 -24.18 -10.52 6.54
C GLU C 64 -23.42 -9.76 7.61
N LEU C 65 -22.11 -9.60 7.42
CA LEU C 65 -21.34 -8.75 8.31
C LEU C 65 -21.72 -7.29 8.13
N ALA C 66 -21.71 -6.82 6.88
CA ALA C 66 -22.12 -5.44 6.62
C ALA C 66 -23.52 -5.17 7.17
N GLY C 67 -24.46 -6.08 6.90
CA GLY C 67 -25.79 -5.92 7.45
C GLY C 67 -25.77 -5.69 8.95
N ASN C 68 -25.16 -6.61 9.68
CA ASN C 68 -25.08 -6.47 11.13
C ASN C 68 -24.31 -5.24 11.56
N ALA C 69 -23.58 -4.60 10.65
CA ALA C 69 -23.02 -3.30 10.96
C ALA C 69 -24.03 -2.20 10.68
N ALA C 70 -24.87 -2.39 9.67
CA ALA C 70 -25.89 -1.38 9.36
C ALA C 70 -26.86 -1.22 10.51
N ARG C 71 -27.45 -2.33 10.97
CA ARG C 71 -28.44 -2.26 12.04
C ARG C 71 -27.91 -1.50 13.25
N ASP C 72 -26.60 -1.61 13.50
CA ASP C 72 -26.05 -0.97 14.68
C ASP C 72 -25.94 0.54 14.51
N ASN C 73 -25.82 1.02 13.28
CA ASN C 73 -25.87 2.45 13.04
C ASN C 73 -27.26 2.95 12.74
N LYS C 74 -28.29 2.14 13.01
CA LYS C 74 -29.68 2.55 12.87
C LYS C 74 -30.01 2.99 11.45
N LYS C 75 -29.42 2.34 10.46
CA LYS C 75 -29.75 2.57 9.06
C LYS C 75 -30.06 1.24 8.40
N THR C 76 -31.11 1.20 7.59
CA THR C 76 -31.45 -0.03 6.90
C THR C 76 -30.42 -0.36 5.83
N ARG C 77 -30.14 0.57 4.93
CA ARG C 77 -29.41 0.27 3.73
C ARG C 77 -27.92 0.10 4.00
N ILE C 78 -27.26 -0.68 3.15
CA ILE C 78 -25.82 -0.85 3.21
C ILE C 78 -25.17 0.25 2.39
N ILE C 79 -24.16 0.91 2.96
CA ILE C 79 -23.38 1.91 2.22
C ILE C 79 -21.91 1.63 2.48
N PRO C 80 -21.03 2.08 1.58
CA PRO C 80 -19.61 1.71 1.71
C PRO C 80 -19.03 1.86 3.10
N ARG C 81 -19.46 2.88 3.83
CA ARG C 81 -18.99 3.05 5.20
C ARG C 81 -19.31 1.81 6.04
N HIS C 82 -20.44 1.16 5.78
CA HIS C 82 -20.74 -0.08 6.49
C HIS C 82 -19.81 -1.19 6.04
N LEU C 83 -19.54 -1.27 4.73
CA LEU C 83 -18.64 -2.30 4.22
C LEU C 83 -17.24 -2.14 4.80
N GLN C 84 -16.69 -0.93 4.76
CA GLN C 84 -15.38 -0.69 5.32
C GLN C 84 -15.31 -1.09 6.79
N LEU C 85 -16.44 -0.97 7.50
CA LEU C 85 -16.47 -1.42 8.89
C LEU C 85 -16.59 -2.92 8.99
N ALA C 86 -17.24 -3.57 8.02
CA ALA C 86 -17.41 -5.01 8.12
C ALA C 86 -16.11 -5.74 7.81
N VAL C 87 -15.25 -5.13 7.01
CA VAL C 87 -14.06 -5.81 6.54
C VAL C 87 -12.86 -5.57 7.46
N ARG C 88 -12.64 -4.33 7.90
CA ARG C 88 -11.47 -4.07 8.72
C ARG C 88 -11.61 -4.62 10.13
N ASN C 89 -12.82 -4.70 10.63
CA ASN C 89 -13.00 -5.28 11.94
C ASN C 89 -12.57 -6.73 11.89
N ASP C 90 -13.10 -7.49 10.94
CA ASP C 90 -12.79 -8.92 10.90
C ASP C 90 -11.33 -9.10 10.62
N GLU C 91 -10.71 -10.10 11.22
CA GLU C 91 -9.27 -10.26 11.08
C GLU C 91 -8.84 -10.99 9.83
N GLU C 92 -9.67 -11.87 9.33
CA GLU C 92 -9.26 -12.67 8.18
C GLU C 92 -9.72 -12.07 6.86
N LEU C 93 -10.94 -11.51 6.81
CA LEU C 93 -11.33 -10.76 5.63
C LEU C 93 -10.36 -9.62 5.36
N ASN C 94 -9.97 -8.90 6.41
CA ASN C 94 -9.01 -7.81 6.23
C ASN C 94 -7.72 -8.34 5.64
N LYS C 95 -7.30 -9.53 6.03
CA LYS C 95 -6.06 -10.09 5.51
C LYS C 95 -6.19 -10.46 4.05
N LEU C 96 -7.40 -10.84 3.62
CA LEU C 96 -7.63 -11.13 2.21
C LEU C 96 -7.61 -9.86 1.37
N LEU C 97 -8.24 -8.79 1.87
CA LEU C 97 -8.29 -7.51 1.18
C LEU C 97 -7.26 -6.54 1.72
N GLY C 98 -6.10 -7.04 2.11
CA GLY C 98 -5.11 -6.18 2.75
C GLY C 98 -4.72 -4.98 1.92
N ARG C 99 -4.57 -5.17 0.61
CA ARG C 99 -4.13 -4.08 -0.24
C ARG C 99 -5.28 -3.24 -0.75
N VAL C 100 -6.50 -3.79 -0.77
CA VAL C 100 -7.63 -3.09 -1.36
C VAL C 100 -7.92 -1.79 -0.61
N THR C 101 -8.34 -0.78 -1.35
CA THR C 101 -8.80 0.48 -0.78
C THR C 101 -10.21 0.73 -1.27
N ILE C 102 -11.16 0.77 -0.34
CA ILE C 102 -12.57 0.90 -0.67
C ILE C 102 -12.92 2.38 -0.84
N ALA C 103 -13.55 2.71 -1.96
CA ALA C 103 -13.95 4.09 -2.19
C ALA C 103 -15.00 4.51 -1.18
N GLN C 104 -15.00 5.81 -0.86
CA GLN C 104 -15.94 6.38 0.11
C GLN C 104 -15.93 5.62 1.43
N GLY C 105 -14.84 4.92 1.73
CA GLY C 105 -14.87 3.94 2.78
C GLY C 105 -14.72 4.50 4.18
N GLY C 106 -14.01 5.59 4.34
CA GLY C 106 -13.66 6.04 5.66
C GLY C 106 -12.71 5.06 6.31
N VAL C 107 -12.35 5.36 7.57
CA VAL C 107 -11.34 4.60 8.28
C VAL C 107 -11.99 3.97 9.50
N LEU C 108 -11.33 2.95 10.03
CA LEU C 108 -11.76 2.32 11.26
C LEU C 108 -11.25 3.12 12.45
N PRO C 109 -12.11 3.60 13.33
CA PRO C 109 -11.67 4.54 14.39
C PRO C 109 -10.62 3.92 15.30
N ASN C 110 -9.46 4.57 15.36
CA ASN C 110 -8.37 4.08 16.18
C ASN C 110 -7.52 5.25 16.65
N ILE C 111 -7.35 5.37 17.97
CA ILE C 111 -6.47 6.36 18.57
C ILE C 111 -5.42 5.62 19.38
N GLN C 112 -4.15 5.92 19.13
CA GLN C 112 -3.10 5.34 19.94
C GLN C 112 -3.27 5.75 21.39
N SER C 113 -2.93 4.83 22.29
CA SER C 113 -3.21 5.08 23.71
C SER C 113 -2.32 6.16 24.28
N VAL C 114 -1.15 6.41 23.66
CA VAL C 114 -0.25 7.41 24.20
C VAL C 114 -0.81 8.82 24.03
N LEU C 115 -1.60 9.04 22.98
CA LEU C 115 -2.07 10.39 22.71
C LEU C 115 -3.21 10.80 23.63
N LEU C 116 -4.01 9.84 24.08
CA LEU C 116 -5.17 10.17 24.89
C LEU C 116 -4.75 11.01 26.09
N PRO C 117 -5.56 11.97 26.51
CA PRO C 117 -5.12 12.89 27.56
C PRO C 117 -5.11 12.22 28.91
N LYS C 118 -4.49 12.90 29.87
CA LYS C 118 -4.47 12.41 31.24
C LYS C 118 -4.23 13.55 32.22
N THR D 29 -25.35 -1.73 -25.98
CA THR D 29 -24.93 -0.85 -24.90
C THR D 29 -25.15 -1.51 -23.53
N ARG D 30 -24.84 -2.79 -23.43
CA ARG D 30 -25.06 -3.56 -22.21
C ARG D 30 -23.73 -3.87 -21.56
N LYS D 31 -23.64 -3.57 -20.26
CA LYS D 31 -22.46 -3.89 -19.46
C LYS D 31 -22.89 -4.83 -18.36
N GLU D 32 -22.77 -6.12 -18.61
CA GLU D 32 -23.28 -7.14 -17.70
C GLU D 32 -22.51 -7.12 -16.39
N SER D 33 -23.24 -7.41 -15.31
CA SER D 33 -22.72 -7.24 -13.96
C SER D 33 -23.38 -8.23 -13.03
N TYR D 34 -22.86 -8.29 -11.80
CA TYR D 34 -23.42 -9.13 -10.74
C TYR D 34 -24.37 -8.37 -9.84
N ALA D 35 -24.98 -7.30 -10.34
CA ALA D 35 -25.85 -6.50 -9.49
C ALA D 35 -27.11 -7.26 -9.10
N ILE D 36 -27.60 -8.14 -9.98
CA ILE D 36 -28.77 -8.93 -9.64
C ILE D 36 -28.42 -9.95 -8.56
N TYR D 37 -27.26 -10.58 -8.69
CA TYR D 37 -26.94 -11.71 -7.83
C TYR D 37 -26.64 -11.27 -6.41
N VAL D 38 -25.64 -10.40 -6.24
CA VAL D 38 -25.32 -9.88 -4.92
C VAL D 38 -26.57 -9.42 -4.20
N TYR D 39 -27.48 -8.79 -4.92
CA TYR D 39 -28.71 -8.33 -4.28
C TYR D 39 -29.60 -9.50 -3.89
N LYS D 40 -29.61 -10.56 -4.69
CA LYS D 40 -30.40 -11.73 -4.32
C LYS D 40 -29.87 -12.37 -3.05
N VAL D 41 -28.55 -12.53 -2.94
CA VAL D 41 -27.96 -13.10 -1.75
C VAL D 41 -28.28 -12.24 -0.54
N LEU D 42 -28.27 -10.92 -0.71
CA LEU D 42 -28.50 -10.03 0.43
C LEU D 42 -29.85 -10.28 1.07
N LYS D 43 -30.85 -10.63 0.27
CA LYS D 43 -32.15 -10.93 0.86
C LYS D 43 -32.15 -12.25 1.61
N GLN D 44 -31.27 -13.18 1.21
CA GLN D 44 -31.19 -14.43 1.94
C GLN D 44 -30.66 -14.22 3.35
N VAL D 45 -29.70 -13.32 3.53
CA VAL D 45 -29.08 -13.17 4.84
C VAL D 45 -29.52 -11.91 5.57
N HIS D 46 -30.41 -11.11 4.99
CA HIS D 46 -31.03 -9.98 5.69
C HIS D 46 -32.32 -9.64 4.98
N PRO D 47 -33.41 -10.37 5.25
CA PRO D 47 -34.63 -10.18 4.46
C PRO D 47 -35.19 -8.77 4.50
N ASP D 48 -34.61 -7.87 5.29
CA ASP D 48 -35.07 -6.48 5.32
C ASP D 48 -34.13 -5.52 4.64
N THR D 49 -32.82 -5.73 4.79
CA THR D 49 -31.83 -4.76 4.33
C THR D 49 -31.84 -4.65 2.80
N GLY D 50 -31.54 -3.45 2.31
CA GLY D 50 -31.29 -3.23 0.91
C GLY D 50 -30.00 -2.46 0.75
N ILE D 51 -29.41 -2.56 -0.44
CA ILE D 51 -28.08 -2.05 -0.70
C ILE D 51 -28.15 -0.87 -1.66
N SER D 52 -27.33 0.13 -1.42
CA SER D 52 -27.29 1.33 -2.24
C SER D 52 -26.28 1.18 -3.36
N SER D 53 -26.50 1.94 -4.44
CA SER D 53 -25.72 1.76 -5.66
C SER D 53 -24.22 1.79 -5.39
N LYS D 54 -23.73 2.92 -4.85
CA LYS D 54 -22.30 3.05 -4.64
C LYS D 54 -21.74 1.96 -3.74
N ALA D 55 -22.59 1.28 -2.99
CA ALA D 55 -22.13 0.14 -2.23
C ALA D 55 -22.21 -1.13 -3.05
N MET D 56 -23.13 -1.19 -4.00
CA MET D 56 -23.19 -2.33 -4.89
C MET D 56 -21.96 -2.38 -5.79
N SER D 57 -21.65 -1.26 -6.44
CA SER D 57 -20.50 -1.23 -7.36
C SER D 57 -19.20 -1.54 -6.66
N ILE D 58 -19.19 -1.63 -5.34
CA ILE D 58 -18.07 -2.24 -4.64
C ILE D 58 -18.13 -3.75 -4.79
N MET D 59 -19.23 -4.35 -4.32
CA MET D 59 -19.38 -5.80 -4.44
C MET D 59 -19.25 -6.25 -5.88
N ASN D 60 -19.85 -5.51 -6.83
CA ASN D 60 -19.71 -5.85 -8.23
C ASN D 60 -18.25 -5.80 -8.66
N SER D 61 -17.40 -5.12 -7.90
CA SER D 61 -15.98 -5.10 -8.21
C SER D 61 -15.15 -5.89 -7.23
N PHE D 62 -15.74 -6.37 -6.14
CA PHE D 62 -15.02 -7.29 -5.27
C PHE D 62 -15.02 -8.69 -5.85
N VAL D 63 -16.20 -9.16 -6.30
CA VAL D 63 -16.28 -10.45 -6.95
C VAL D 63 -15.37 -10.49 -8.18
N ASN D 64 -15.50 -9.52 -9.06
CA ASN D 64 -14.62 -9.46 -10.23
C ASN D 64 -13.16 -9.37 -9.83
N ASP D 65 -12.86 -9.13 -8.57
CA ASP D 65 -11.47 -9.22 -8.11
C ASP D 65 -11.14 -10.64 -7.68
N VAL D 66 -11.92 -11.18 -6.75
CA VAL D 66 -11.68 -12.55 -6.30
C VAL D 66 -11.70 -13.50 -7.49
N PHE D 67 -12.78 -13.48 -8.27
CA PHE D 67 -12.88 -14.37 -9.41
C PHE D 67 -11.72 -14.19 -10.38
N GLU D 68 -10.99 -13.09 -10.29
CA GLU D 68 -9.80 -12.93 -11.12
C GLU D 68 -8.54 -13.36 -10.40
N ARG D 69 -8.60 -13.55 -9.09
CA ARG D 69 -7.46 -14.13 -8.39
C ARG D 69 -7.56 -15.65 -8.37
N ILE D 70 -8.70 -16.19 -7.93
CA ILE D 70 -8.88 -17.63 -7.89
C ILE D 70 -8.63 -18.25 -9.26
N ALA D 71 -9.40 -17.82 -10.26
CA ALA D 71 -9.19 -18.35 -11.59
C ALA D 71 -7.78 -18.10 -12.07
N GLY D 72 -7.30 -16.86 -11.93
CA GLY D 72 -5.93 -16.56 -12.29
C GLY D 72 -4.91 -17.38 -11.54
N GLU D 73 -5.30 -17.98 -10.42
CA GLU D 73 -4.43 -18.88 -9.70
C GLU D 73 -4.52 -20.29 -10.27
N ALA D 74 -5.71 -20.77 -10.50
CA ALA D 74 -5.82 -22.09 -11.09
C ALA D 74 -5.61 -22.06 -12.53
N SER D 75 -5.03 -20.98 -13.05
CA SER D 75 -4.47 -21.00 -14.39
C SER D 75 -2.98 -21.30 -14.37
N ARG D 76 -2.29 -20.88 -13.32
CA ARG D 76 -0.88 -21.21 -13.17
C ARG D 76 -0.70 -22.61 -12.59
N LEU D 77 -1.62 -23.04 -11.72
CA LEU D 77 -1.58 -24.40 -11.22
C LEU D 77 -1.59 -25.40 -12.37
N ALA D 78 -2.59 -25.33 -13.24
CA ALA D 78 -2.65 -26.26 -14.36
C ALA D 78 -1.40 -26.17 -15.21
N HIS D 79 -0.91 -24.96 -15.43
CA HIS D 79 0.26 -24.78 -16.27
C HIS D 79 1.51 -25.40 -15.65
N TYR D 80 1.67 -25.24 -14.33
CA TYR D 80 2.85 -25.76 -13.67
C TYR D 80 2.91 -27.28 -13.78
N ASN D 81 1.86 -27.95 -13.36
CA ASN D 81 1.82 -29.41 -13.42
C ASN D 81 1.73 -29.92 -14.85
N LYS D 82 1.67 -29.03 -15.84
CA LYS D 82 1.61 -29.31 -17.27
C LYS D 82 0.26 -29.86 -17.70
N ARG D 83 -0.69 -30.03 -16.80
CA ARG D 83 -2.06 -30.31 -17.20
C ARG D 83 -2.56 -29.14 -18.04
N SER D 84 -3.25 -29.45 -19.14
CA SER D 84 -3.71 -28.36 -20.00
C SER D 84 -4.98 -27.73 -19.48
N THR D 85 -5.87 -28.51 -18.87
CA THR D 85 -7.21 -28.04 -18.54
C THR D 85 -7.29 -27.62 -17.07
N ILE D 86 -8.37 -26.90 -16.77
CA ILE D 86 -8.67 -26.42 -15.43
C ILE D 86 -9.93 -27.09 -14.91
N THR D 87 -9.79 -27.85 -13.83
CA THR D 87 -10.92 -28.57 -13.28
C THR D 87 -11.13 -28.16 -11.86
N SER D 88 -12.10 -28.77 -11.19
CA SER D 88 -12.43 -28.31 -9.86
C SER D 88 -11.30 -28.45 -8.88
N ARG D 89 -10.59 -29.55 -8.92
CA ARG D 89 -9.58 -29.75 -7.92
C ARG D 89 -8.67 -28.57 -8.01
N GLU D 90 -8.32 -28.19 -9.21
CA GLU D 90 -7.38 -27.11 -9.38
C GLU D 90 -7.97 -25.88 -8.77
N ILE D 91 -9.25 -25.91 -8.41
CA ILE D 91 -9.75 -24.70 -7.75
C ILE D 91 -9.56 -24.81 -6.24
N GLN D 92 -9.76 -26.01 -5.67
CA GLN D 92 -9.47 -26.20 -4.26
C GLN D 92 -8.05 -25.75 -3.94
N THR D 93 -7.08 -26.26 -4.69
CA THR D 93 -5.71 -25.81 -4.51
C THR D 93 -5.59 -24.32 -4.78
N ALA D 94 -6.49 -23.75 -5.57
CA ALA D 94 -6.45 -22.31 -5.78
C ALA D 94 -7.07 -21.57 -4.61
N VAL D 95 -8.11 -22.13 -4.01
CA VAL D 95 -8.74 -21.46 -2.88
C VAL D 95 -7.85 -21.55 -1.65
N ARG D 96 -7.42 -22.76 -1.31
CA ARG D 96 -6.65 -22.94 -0.09
C ARG D 96 -5.35 -22.13 -0.06
N LEU D 97 -5.02 -21.45 -1.16
CA LEU D 97 -3.87 -20.56 -1.14
C LEU D 97 -4.26 -19.11 -0.91
N LEU D 98 -5.34 -18.65 -1.53
CA LEU D 98 -5.71 -17.24 -1.40
C LEU D 98 -6.50 -17.00 -0.12
N LEU D 99 -7.65 -17.63 0.02
CA LEU D 99 -8.50 -17.38 1.18
C LEU D 99 -7.77 -17.76 2.45
N PRO D 100 -7.46 -16.81 3.32
CA PRO D 100 -6.59 -17.10 4.46
C PRO D 100 -7.35 -17.52 5.71
N GLY D 101 -6.91 -18.64 6.29
CA GLY D 101 -7.45 -19.06 7.57
C GLY D 101 -8.80 -19.76 7.45
N GLU D 102 -9.71 -19.39 8.35
CA GLU D 102 -10.97 -20.12 8.47
C GLU D 102 -11.79 -20.12 7.20
N LEU D 103 -11.62 -19.12 6.34
CA LEU D 103 -12.36 -19.12 5.09
C LEU D 103 -11.99 -20.31 4.23
N ALA D 104 -10.71 -20.67 4.21
CA ALA D 104 -10.27 -21.78 3.38
C ALA D 104 -10.97 -23.07 3.78
N LYS D 105 -11.19 -23.29 5.08
CA LYS D 105 -11.84 -24.51 5.51
C LYS D 105 -13.35 -24.43 5.39
N HIS D 106 -13.90 -23.26 5.13
CA HIS D 106 -15.34 -23.12 4.90
C HIS D 106 -15.69 -23.03 3.44
N ALA D 107 -14.88 -22.34 2.64
CA ALA D 107 -15.14 -22.26 1.21
C ALA D 107 -15.12 -23.63 0.57
N VAL D 108 -14.01 -24.37 0.74
CA VAL D 108 -13.90 -25.67 0.10
C VAL D 108 -14.93 -26.64 0.66
N SER D 109 -15.32 -26.45 1.92
CA SER D 109 -16.44 -27.23 2.45
C SER D 109 -17.77 -26.73 1.91
N GLU D 110 -17.80 -25.53 1.36
CA GLU D 110 -19.01 -25.04 0.69
C GLU D 110 -18.96 -25.31 -0.80
N GLY D 111 -17.76 -25.38 -1.38
CA GLY D 111 -17.65 -25.72 -2.78
C GLY D 111 -18.08 -27.15 -3.05
N THR D 112 -17.43 -28.12 -2.40
CA THR D 112 -17.74 -29.52 -2.63
C THR D 112 -19.22 -29.80 -2.41
N LYS D 113 -19.80 -29.24 -1.35
CA LYS D 113 -21.22 -29.43 -1.10
C LYS D 113 -22.06 -29.01 -2.29
N ALA D 114 -21.61 -28.01 -3.05
CA ALA D 114 -22.29 -27.66 -4.28
C ALA D 114 -22.03 -28.68 -5.37
N VAL D 115 -20.77 -28.87 -5.74
CA VAL D 115 -20.45 -29.70 -6.91
C VAL D 115 -20.95 -31.12 -6.70
N THR D 116 -20.89 -31.62 -5.47
CA THR D 116 -21.46 -32.94 -5.20
C THR D 116 -22.95 -32.96 -5.50
N LYS D 117 -23.66 -31.91 -5.08
CA LYS D 117 -25.09 -31.86 -5.34
C LYS D 117 -25.36 -31.75 -6.84
N TYR D 118 -24.49 -31.07 -7.57
CA TYR D 118 -24.71 -30.87 -8.99
C TYR D 118 -24.65 -32.19 -9.74
N THR D 119 -23.50 -32.87 -9.70
CA THR D 119 -23.32 -34.10 -10.44
C THR D 119 -24.40 -35.12 -10.09
N SER D 120 -24.70 -35.27 -8.79
CA SER D 120 -25.72 -36.21 -8.38
C SER D 120 -27.10 -35.83 -8.86
N ALA D 121 -27.32 -34.57 -9.23
CA ALA D 121 -28.63 -34.16 -9.70
C ALA D 121 -28.74 -34.16 -11.21
N LYS D 122 -27.62 -34.18 -11.92
CA LYS D 122 -27.64 -34.10 -13.37
C LYS D 122 -28.37 -35.29 -13.99
N VAL E 35 -6.31 37.94 35.04
CA VAL E 35 -7.69 38.32 34.81
C VAL E 35 -7.97 38.18 33.31
N ML3 E 36 -9.24 38.33 32.92
CA ML3 E 36 -9.65 38.17 31.53
CB ML3 E 36 -9.06 39.27 30.64
SG ML3 E 36 -9.48 40.84 31.34
CD ML3 E 36 -9.05 41.96 30.07
CE ML3 E 36 -9.91 41.67 28.86
NZ ML3 E 36 -10.92 42.72 28.45
CM1 ML3 E 36 -11.73 42.23 27.30
CM2 ML3 E 36 -11.86 42.96 29.60
CM3 ML3 E 36 -10.28 44.01 28.08
C ML3 E 36 -9.26 36.83 30.93
O ML3 E 36 -8.21 36.61 30.31
N LYS E 37 -10.17 35.87 31.11
CA LYS E 37 -9.95 34.52 30.62
C LYS E 37 -10.99 34.14 29.58
N PRO E 38 -10.53 33.88 28.36
CA PRO E 38 -11.47 33.58 27.27
C PRO E 38 -11.97 32.14 27.26
N HIS E 39 -11.59 31.33 28.25
CA HIS E 39 -11.95 29.92 28.30
C HIS E 39 -11.46 29.19 27.04
N ARG E 40 -10.16 29.17 26.88
CA ARG E 40 -9.54 28.43 25.79
C ARG E 40 -9.30 26.99 26.23
N TYR E 41 -9.74 26.04 25.41
CA TYR E 41 -9.51 24.65 25.72
C TYR E 41 -8.03 24.37 25.85
N ARG E 42 -7.70 23.27 26.50
CA ARG E 42 -6.30 22.95 26.70
C ARG E 42 -5.66 22.56 25.37
N PRO E 43 -4.50 23.10 25.04
CA PRO E 43 -3.77 22.61 23.87
C PRO E 43 -3.68 21.10 23.90
N GLY E 44 -4.22 20.47 22.87
CA GLY E 44 -4.25 19.03 22.75
C GLY E 44 -5.63 18.43 22.69
N THR E 45 -6.65 19.10 23.22
CA THR E 45 -7.98 18.50 23.25
C THR E 45 -8.90 19.05 22.18
N VAL E 46 -8.37 19.72 21.20
CA VAL E 46 -9.24 20.13 20.13
C VAL E 46 -8.89 19.15 19.05
N ALA E 47 -7.61 18.86 18.94
CA ALA E 47 -7.21 17.90 17.94
C ALA E 47 -7.78 16.52 18.22
N LEU E 48 -7.79 16.08 19.46
CA LEU E 48 -8.28 14.74 19.69
C LEU E 48 -9.72 14.79 19.32
N ARG E 49 -10.40 15.83 19.78
CA ARG E 49 -11.80 16.02 19.43
C ARG E 49 -11.98 15.86 17.93
N GLU E 50 -11.25 16.64 17.15
CA GLU E 50 -11.43 16.58 15.71
C GLU E 50 -10.80 15.35 15.09
N ILE E 51 -9.94 14.62 15.81
CA ILE E 51 -9.64 13.27 15.38
C ILE E 51 -10.88 12.40 15.50
N ARG E 52 -11.58 12.51 16.62
CA ARG E 52 -12.80 11.75 16.78
C ARG E 52 -13.87 12.20 15.81
N ARG E 53 -13.71 13.36 15.18
CA ARG E 53 -14.74 13.83 14.28
C ARG E 53 -14.48 13.39 12.85
N TYR E 54 -13.22 13.21 12.48
CA TYR E 54 -12.94 12.85 11.09
C TYR E 54 -12.97 11.35 10.88
N GLN E 55 -12.34 10.58 11.77
CA GLN E 55 -12.36 9.14 11.61
C GLN E 55 -13.78 8.62 11.55
N LYS E 56 -14.69 9.21 12.32
CA LYS E 56 -16.09 8.84 12.20
C LYS E 56 -16.65 9.21 10.84
N SER E 57 -16.37 10.42 10.37
CA SER E 57 -16.92 10.87 9.10
C SER E 57 -16.22 10.17 7.94
N THR E 58 -16.71 10.43 6.73
CA THR E 58 -16.17 9.74 5.56
C THR E 58 -16.04 10.60 4.31
N GLU E 59 -16.32 11.90 4.36
CA GLU E 59 -16.30 12.70 3.15
C GLU E 59 -14.87 12.89 2.65
N LEU E 60 -14.74 13.62 1.54
CA LEU E 60 -13.42 13.90 0.99
C LEU E 60 -12.83 15.13 1.66
N LEU E 61 -11.53 15.07 1.93
CA LEU E 61 -10.85 16.11 2.69
C LEU E 61 -10.08 17.08 1.82
N ILE E 62 -9.24 16.58 0.90
CA ILE E 62 -8.53 17.47 0.01
C ILE E 62 -9.52 18.13 -0.93
N ARG E 63 -9.47 19.46 -0.99
CA ARG E 63 -10.55 20.20 -1.60
C ARG E 63 -10.64 19.91 -3.09
N LYS E 64 -11.85 19.65 -3.57
CA LYS E 64 -12.04 19.01 -4.86
C LYS E 64 -11.39 19.80 -5.99
N LEU E 65 -11.87 21.01 -6.23
CA LEU E 65 -11.37 21.77 -7.37
C LEU E 65 -9.87 22.03 -7.31
N PRO E 66 -9.28 22.52 -6.22
CA PRO E 66 -7.82 22.72 -6.23
C PRO E 66 -7.04 21.45 -6.41
N PHE E 67 -7.68 20.30 -6.20
CA PHE E 67 -7.05 19.05 -6.58
C PHE E 67 -7.09 18.87 -8.09
N GLN E 68 -8.29 18.94 -8.66
CA GLN E 68 -8.45 18.74 -10.10
C GLN E 68 -7.46 19.59 -10.88
N ARG E 69 -7.28 20.85 -10.48
CA ARG E 69 -6.31 21.69 -11.17
C ARG E 69 -4.89 21.19 -10.97
N LEU E 70 -4.66 20.29 -10.02
CA LEU E 70 -3.34 19.71 -9.89
C LEU E 70 -3.17 18.55 -10.86
N VAL E 71 -4.13 17.62 -10.90
CA VAL E 71 -3.99 16.47 -11.77
C VAL E 71 -3.88 16.91 -13.21
N ARG E 72 -4.75 17.81 -13.65
CA ARG E 72 -4.64 18.33 -15.01
C ARG E 72 -3.26 18.91 -15.26
N GLU E 73 -2.63 19.43 -14.21
CA GLU E 73 -1.31 20.02 -14.38
C GLU E 73 -0.23 18.95 -14.45
N ILE E 74 -0.39 17.83 -13.73
CA ILE E 74 0.59 16.77 -13.81
C ILE E 74 0.52 16.06 -15.15
N ALA E 75 -0.68 15.67 -15.57
CA ALA E 75 -0.82 14.98 -16.84
C ALA E 75 -0.43 15.87 -18.01
N GLN E 76 -0.61 17.18 -17.87
CA GLN E 76 -0.17 18.10 -18.91
C GLN E 76 1.31 17.94 -19.22
N ASP E 77 2.07 17.34 -18.30
CA ASP E 77 3.49 17.12 -18.54
C ASP E 77 3.73 15.89 -19.40
N PHE E 78 3.05 14.79 -19.10
CA PHE E 78 3.36 13.53 -19.77
C PHE E 78 2.79 13.48 -21.18
N LYS E 79 1.60 14.03 -21.38
CA LYS E 79 1.05 14.15 -22.73
C LYS E 79 0.18 15.39 -22.77
N THR E 80 0.54 16.33 -23.63
CA THR E 80 -0.19 17.59 -23.70
C THR E 80 -1.58 17.38 -24.28
N ASP E 81 -2.50 18.25 -23.88
CA ASP E 81 -3.83 18.33 -24.47
C ASP E 81 -4.62 17.04 -24.20
N LEU E 82 -4.62 16.61 -22.95
CA LEU E 82 -5.51 15.54 -22.53
C LEU E 82 -6.82 16.12 -21.99
N ARG E 83 -7.84 15.30 -22.00
CA ARG E 83 -9.12 15.61 -21.38
C ARG E 83 -9.43 14.51 -20.38
N PHE E 84 -9.77 14.90 -19.16
CA PHE E 84 -10.03 13.92 -18.11
C PHE E 84 -11.51 13.70 -17.95
N GLN E 85 -11.93 12.43 -18.01
CA GLN E 85 -13.29 12.09 -17.64
C GLN E 85 -13.52 12.49 -16.20
N SER E 86 -14.77 12.84 -15.87
CA SER E 86 -15.06 13.35 -14.54
C SER E 86 -14.65 12.35 -13.46
N SER E 87 -15.17 11.12 -13.55
CA SER E 87 -14.86 10.12 -12.53
C SER E 87 -13.36 9.87 -12.41
N ALA E 88 -12.63 9.93 -13.53
CA ALA E 88 -11.22 9.60 -13.49
C ALA E 88 -10.45 10.57 -12.61
N VAL E 89 -10.94 11.79 -12.46
CA VAL E 89 -10.34 12.68 -11.46
C VAL E 89 -10.75 12.25 -10.07
N MET E 90 -12.02 11.89 -9.89
CA MET E 90 -12.48 11.45 -8.58
C MET E 90 -11.75 10.18 -8.14
N ALA E 91 -11.57 9.24 -9.07
CA ALA E 91 -10.89 7.99 -8.73
C ALA E 91 -9.51 8.25 -8.17
N LEU E 92 -8.81 9.25 -8.70
CA LEU E 92 -7.49 9.58 -8.17
C LEU E 92 -7.59 10.10 -6.75
N GLN E 93 -8.34 11.19 -6.56
CA GLN E 93 -8.47 11.77 -5.23
C GLN E 93 -8.90 10.74 -4.21
N GLU E 94 -9.76 9.80 -4.60
CA GLU E 94 -10.15 8.76 -3.67
C GLU E 94 -8.97 7.87 -3.30
N ALA E 95 -8.02 7.70 -4.22
CA ALA E 95 -6.85 6.90 -3.90
C ALA E 95 -5.75 7.75 -3.30
N SER E 96 -5.62 8.99 -3.74
CA SER E 96 -4.55 9.84 -3.22
C SER E 96 -4.76 10.13 -1.74
N GLU E 97 -6.01 10.34 -1.32
CA GLU E 97 -6.30 10.46 0.10
C GLU E 97 -5.89 9.20 0.83
N ALA E 98 -6.50 8.07 0.48
CA ALA E 98 -6.28 6.84 1.21
C ALA E 98 -4.88 6.31 1.05
N TYR E 99 -4.01 7.01 0.34
CA TYR E 99 -2.59 6.73 0.42
C TYR E 99 -1.94 7.55 1.52
N LEU E 100 -2.18 8.87 1.53
CA LEU E 100 -1.65 9.72 2.58
C LEU E 100 -2.11 9.25 3.95
N VAL E 101 -3.41 9.01 4.10
CA VAL E 101 -3.91 8.54 5.38
C VAL E 101 -3.19 7.26 5.79
N ALA E 102 -2.90 6.39 4.82
CA ALA E 102 -2.09 5.23 5.13
C ALA E 102 -0.66 5.62 5.48
N LEU E 103 -0.21 6.78 5.02
CA LEU E 103 1.13 7.24 5.39
C LEU E 103 1.15 7.78 6.81
N PHE E 104 0.21 8.69 7.12
CA PHE E 104 0.22 9.31 8.44
C PHE E 104 -0.02 8.28 9.53
N GLU E 105 -0.98 7.38 9.33
CA GLU E 105 -1.20 6.32 10.31
C GLU E 105 0.03 5.43 10.45
N ASP E 106 0.99 5.54 9.54
CA ASP E 106 2.23 4.79 9.66
C ASP E 106 3.43 5.66 10.01
N THR E 107 3.37 6.97 9.77
CA THR E 107 4.42 7.83 10.32
C THR E 107 4.18 8.07 11.80
N ASN E 108 2.92 8.06 12.23
CA ASN E 108 2.62 8.23 13.64
C ASN E 108 3.27 7.14 14.46
N LEU E 109 3.13 5.88 14.04
CA LEU E 109 3.79 4.78 14.74
C LEU E 109 5.29 5.02 14.85
N ALA E 110 5.87 5.73 13.88
CA ALA E 110 7.28 6.06 14.00
C ALA E 110 7.49 7.19 15.00
N ALA E 111 6.54 8.11 15.10
CA ALA E 111 6.71 9.23 16.01
C ALA E 111 6.41 8.82 17.44
N ILE E 112 5.40 7.98 17.65
CA ILE E 112 5.23 7.37 18.96
C ILE E 112 6.49 6.64 19.36
N HIS E 113 7.22 6.12 18.39
CA HIS E 113 8.36 5.26 18.70
C HIS E 113 9.46 6.03 19.39
N ALA E 114 9.79 7.20 18.90
CA ALA E 114 10.83 7.95 19.58
C ALA E 114 10.35 8.55 20.87
N LYS E 115 9.16 8.14 21.32
CA LYS E 115 8.50 8.49 22.56
C LYS E 115 7.90 9.88 22.53
N ARG E 116 7.94 10.59 21.41
CA ARG E 116 7.36 11.92 21.31
C ARG E 116 6.02 11.82 20.63
N VAL E 117 5.26 12.92 20.66
CA VAL E 117 3.93 12.92 20.07
C VAL E 117 3.95 13.55 18.69
N THR E 118 4.62 14.69 18.55
CA THR E 118 4.61 15.45 17.32
C THR E 118 5.32 14.71 16.20
N ILE E 119 4.60 14.40 15.12
CA ILE E 119 5.27 13.82 13.96
C ILE E 119 6.16 14.86 13.31
N MET E 120 7.08 14.39 12.48
CA MET E 120 8.11 15.26 11.93
C MET E 120 8.68 14.66 10.65
N PRO E 121 9.17 15.49 9.72
CA PRO E 121 9.64 14.94 8.43
C PRO E 121 10.71 13.90 8.57
N LYS E 122 11.40 13.81 9.70
CA LYS E 122 12.32 12.71 9.90
C LYS E 122 11.62 11.41 10.23
N ASP E 123 10.29 11.37 10.10
CA ASP E 123 9.52 10.14 10.21
C ASP E 123 8.93 9.70 8.88
N ILE E 124 8.27 10.62 8.17
CA ILE E 124 7.81 10.31 6.82
C ILE E 124 8.98 9.91 5.95
N GLN E 125 10.19 10.38 6.27
CA GLN E 125 11.36 9.85 5.60
C GLN E 125 11.66 8.43 6.05
N LEU E 126 11.26 8.06 7.27
CA LEU E 126 11.43 6.68 7.70
C LEU E 126 10.29 5.81 7.19
N ALA E 127 9.06 6.14 7.57
CA ALA E 127 7.92 5.28 7.28
C ALA E 127 7.75 5.01 5.79
N ARG E 128 8.49 5.70 4.93
CA ARG E 128 8.48 5.37 3.52
C ARG E 128 9.65 4.49 3.13
N ARG E 129 10.72 4.47 3.90
CA ARG E 129 11.82 3.57 3.58
C ARG E 129 11.66 2.21 4.22
N ILE E 130 10.95 2.13 5.36
CA ILE E 130 10.63 0.83 5.92
C ILE E 130 9.80 0.03 4.93
N ARG E 131 8.76 0.65 4.37
CA ARG E 131 7.93 -0.02 3.37
C ARG E 131 8.73 -0.44 2.16
N GLY E 132 9.96 0.06 2.00
CA GLY E 132 10.73 -0.23 0.82
C GLY E 132 10.29 0.50 -0.43
N GLU E 133 9.16 1.21 -0.38
CA GLU E 133 8.71 1.92 -1.57
C GLU E 133 9.61 3.09 -1.90
N ARG E 134 10.26 3.68 -0.89
CA ARG E 134 11.24 4.74 -1.09
C ARG E 134 10.71 5.90 -1.94
N VAL F 21 -2.04 26.38 -20.18
CA VAL F 21 -0.93 25.88 -19.40
C VAL F 21 -1.18 26.17 -17.92
N LEU F 22 -0.76 25.25 -17.05
CA LEU F 22 -1.02 25.34 -15.62
C LEU F 22 0.30 25.38 -14.88
N ARG F 23 0.34 26.17 -13.81
CA ARG F 23 1.54 26.30 -13.01
C ARG F 23 1.17 26.48 -11.54
N ASP F 24 2.08 26.05 -10.66
CA ASP F 24 1.96 26.29 -9.22
C ASP F 24 0.61 25.81 -8.68
N ASN F 25 0.29 24.54 -8.87
CA ASN F 25 -0.96 24.02 -8.33
C ASN F 25 -0.73 23.21 -7.07
N ILE F 26 0.46 22.63 -6.91
CA ILE F 26 0.71 21.81 -5.73
C ILE F 26 0.46 22.59 -4.45
N GLN F 27 0.82 23.87 -4.42
CA GLN F 27 0.49 24.66 -3.25
C GLN F 27 -1.01 24.88 -3.13
N GLY F 28 -1.79 24.38 -4.07
CA GLY F 28 -3.24 24.43 -3.93
C GLY F 28 -3.76 23.48 -2.87
N ILE F 29 -3.02 22.41 -2.57
CA ILE F 29 -3.44 21.53 -1.49
C ILE F 29 -3.24 22.31 -0.21
N THR F 30 -4.35 22.81 0.33
CA THR F 30 -4.29 23.80 1.39
C THR F 30 -3.67 23.21 2.64
N LYS F 31 -2.94 24.04 3.38
CA LYS F 31 -2.29 23.57 4.59
C LYS F 31 -3.26 22.89 5.56
N PRO F 32 -4.45 23.42 5.84
CA PRO F 32 -5.40 22.63 6.63
C PRO F 32 -5.72 21.28 6.01
N ALA F 33 -5.87 21.22 4.67
CA ALA F 33 -6.20 19.93 4.06
C ALA F 33 -5.13 18.89 4.33
N ILE F 34 -3.93 19.31 4.72
CA ILE F 34 -2.93 18.34 5.14
C ILE F 34 -3.24 17.83 6.53
N ARG F 35 -3.66 18.72 7.43
CA ARG F 35 -3.98 18.25 8.78
C ARG F 35 -5.29 17.51 8.81
N ARG F 36 -6.28 17.99 8.05
CA ARG F 36 -7.57 17.32 8.01
C ARG F 36 -7.41 15.85 7.64
N LEU F 37 -6.54 15.55 6.67
CA LEU F 37 -6.12 14.18 6.47
C LEU F 37 -5.49 13.63 7.74
N ALA F 38 -4.41 14.27 8.20
CA ALA F 38 -3.63 13.73 9.30
C ALA F 38 -4.47 13.45 10.52
N ARG F 39 -5.51 14.24 10.76
CA ARG F 39 -6.45 13.87 11.81
C ARG F 39 -7.02 12.49 11.55
N ARG F 40 -7.71 12.32 10.44
CA ARG F 40 -8.25 11.02 10.07
C ARG F 40 -7.18 9.93 10.19
N GLY F 41 -5.93 10.28 9.91
CA GLY F 41 -4.86 9.33 10.12
C GLY F 41 -4.72 8.96 11.59
N GLY F 42 -4.72 9.95 12.46
CA GLY F 42 -4.63 9.66 13.88
C GLY F 42 -3.44 10.28 14.59
N VAL F 43 -2.95 11.39 14.07
CA VAL F 43 -1.84 12.11 14.71
C VAL F 43 -2.40 13.29 15.47
N LYS F 44 -1.71 13.67 16.55
CA LYS F 44 -2.20 14.73 17.41
C LYS F 44 -1.53 16.06 17.13
N ARG F 45 -0.21 16.12 17.22
CA ARG F 45 0.53 17.35 16.99
C ARG F 45 1.35 17.21 15.73
N ILE F 46 1.28 18.22 14.86
CA ILE F 46 1.94 18.20 13.56
C ILE F 46 2.98 19.29 13.53
N SER F 47 4.21 18.94 13.16
CA SER F 47 5.26 19.94 13.13
C SER F 47 5.08 20.88 11.95
N GLY F 48 5.95 21.88 11.87
CA GLY F 48 5.82 22.87 10.83
C GLY F 48 6.29 22.40 9.47
N LEU F 49 7.23 21.48 9.42
CA LEU F 49 7.84 21.06 8.17
C LEU F 49 7.01 20.03 7.44
N ILE F 50 6.12 19.33 8.12
CA ILE F 50 5.35 18.27 7.47
C ILE F 50 4.60 18.79 6.27
N TYR F 51 3.92 19.93 6.43
CA TYR F 51 3.09 20.47 5.35
C TYR F 51 3.86 20.57 4.05
N GLU F 52 4.99 21.28 4.07
CA GLU F 52 5.78 21.43 2.86
C GLU F 52 6.34 20.09 2.41
N GLU F 53 6.49 19.15 3.32
CA GLU F 53 7.07 17.87 2.96
C GLU F 53 6.05 16.95 2.30
N THR F 54 4.81 16.95 2.80
CA THR F 54 3.82 16.00 2.30
C THR F 54 3.53 16.22 0.82
N ARG F 55 3.38 17.47 0.40
CA ARG F 55 3.21 17.75 -1.02
C ARG F 55 4.28 17.04 -1.83
N GLY F 56 5.52 17.06 -1.34
CA GLY F 56 6.59 16.37 -2.04
C GLY F 56 6.30 14.90 -2.24
N VAL F 57 5.60 14.27 -1.29
CA VAL F 57 5.29 12.87 -1.42
C VAL F 57 4.11 12.66 -2.36
N LEU F 58 3.01 13.37 -2.12
CA LEU F 58 1.83 13.20 -2.95
C LEU F 58 2.14 13.47 -4.41
N LYS F 59 3.01 14.44 -4.70
CA LYS F 59 3.37 14.68 -6.08
C LYS F 59 4.09 13.49 -6.68
N VAL F 60 4.92 12.81 -5.89
CA VAL F 60 5.58 11.60 -6.39
C VAL F 60 4.56 10.52 -6.67
N PHE F 61 3.53 10.41 -5.83
CA PHE F 61 2.57 9.32 -5.99
C PHE F 61 1.70 9.53 -7.22
N LEU F 62 1.44 10.78 -7.60
CA LEU F 62 0.62 11.01 -8.78
C LEU F 62 1.41 10.76 -10.06
N GLU F 63 2.63 11.30 -10.14
CA GLU F 63 3.45 11.05 -11.32
C GLU F 63 3.66 9.57 -11.56
N ASN F 64 3.32 8.74 -10.59
CA ASN F 64 3.39 7.33 -10.85
C ASN F 64 2.03 6.90 -11.38
N VAL F 65 0.97 7.13 -10.62
CA VAL F 65 -0.33 6.65 -11.05
C VAL F 65 -0.78 7.29 -12.33
N ILE F 66 -0.55 8.59 -12.47
CA ILE F 66 -1.06 9.26 -13.65
C ILE F 66 -0.35 8.73 -14.87
N ARG F 67 0.95 8.56 -14.78
CA ARG F 67 1.70 8.09 -15.91
C ARG F 67 1.14 6.78 -16.37
N ASP F 68 1.28 5.76 -15.53
CA ASP F 68 0.69 4.48 -15.90
C ASP F 68 -0.73 4.67 -16.39
N ALA F 69 -1.46 5.64 -15.83
CA ALA F 69 -2.82 5.90 -16.30
C ALA F 69 -2.81 6.43 -17.72
N VAL F 70 -1.89 7.34 -18.03
CA VAL F 70 -1.84 7.91 -19.37
C VAL F 70 -1.48 6.85 -20.40
N THR F 71 -0.55 5.97 -20.05
CA THR F 71 -0.03 5.01 -21.03
C THR F 71 -1.15 4.16 -21.63
N TYR F 72 -2.05 3.64 -20.79
CA TYR F 72 -3.21 2.94 -21.34
C TYR F 72 -4.01 3.86 -22.25
N THR F 73 -4.26 5.09 -21.81
CA THR F 73 -5.05 6.01 -22.61
C THR F 73 -4.41 6.24 -23.97
N GLU F 74 -3.10 6.42 -24.03
CA GLU F 74 -2.42 6.48 -25.31
C GLU F 74 -2.62 5.19 -26.09
N HIS F 75 -2.64 4.06 -25.38
CA HIS F 75 -2.59 2.76 -26.05
C HIS F 75 -3.82 2.53 -26.91
N ALA F 76 -5.01 2.66 -26.32
CA ALA F 76 -6.23 2.48 -27.08
C ALA F 76 -6.51 3.64 -28.03
N LYS F 77 -5.59 4.60 -28.13
CA LYS F 77 -5.65 5.76 -29.02
C LYS F 77 -6.73 6.76 -28.66
N ARG F 78 -7.42 6.52 -27.54
CA ARG F 78 -8.46 7.41 -27.05
C ARG F 78 -7.90 8.60 -26.27
N LYS F 79 -8.30 9.81 -26.63
CA LYS F 79 -7.82 11.01 -25.95
C LYS F 79 -8.17 11.16 -24.48
N THR F 80 -9.38 10.81 -24.11
CA THR F 80 -9.80 11.03 -22.72
C THR F 80 -9.42 9.94 -21.76
N VAL F 81 -8.81 10.31 -20.66
CA VAL F 81 -8.35 9.30 -19.72
C VAL F 81 -9.57 8.70 -19.03
N THR F 82 -9.92 7.48 -19.41
CA THR F 82 -11.13 6.86 -18.91
C THR F 82 -11.00 6.57 -17.42
N ALA F 83 -12.10 6.74 -16.69
CA ALA F 83 -12.10 6.36 -15.28
C ALA F 83 -11.65 4.93 -15.07
N MET F 84 -11.99 4.04 -16.01
CA MET F 84 -11.56 2.66 -15.89
C MET F 84 -10.05 2.55 -15.97
N ASP F 85 -9.38 3.51 -16.62
CA ASP F 85 -7.93 3.46 -16.73
C ASP F 85 -7.26 3.59 -15.37
N VAL F 86 -7.66 4.61 -14.60
CA VAL F 86 -7.04 4.85 -13.31
C VAL F 86 -7.16 3.63 -12.41
N VAL F 87 -8.29 2.92 -12.48
CA VAL F 87 -8.43 1.71 -11.67
C VAL F 87 -7.38 0.68 -12.05
N TYR F 88 -6.93 0.71 -13.31
CA TYR F 88 -5.91 -0.22 -13.73
C TYR F 88 -4.52 0.20 -13.26
N ALA F 89 -4.15 1.45 -13.51
CA ALA F 89 -2.85 1.93 -13.07
C ALA F 89 -2.65 1.68 -11.58
N LEU F 90 -3.70 1.85 -10.79
CA LEU F 90 -3.63 1.51 -9.38
C LEU F 90 -3.47 0.00 -9.19
N LYS F 91 -4.23 -0.80 -9.94
CA LYS F 91 -4.18 -2.24 -9.76
C LYS F 91 -2.79 -2.78 -10.04
N ARG F 92 -2.06 -2.13 -10.95
CA ARG F 92 -0.71 -2.59 -11.25
C ARG F 92 0.25 -2.29 -10.11
N GLN F 93 0.17 -1.08 -9.55
CA GLN F 93 1.13 -0.70 -8.52
C GLN F 93 0.92 -1.47 -7.23
N GLY F 94 -0.31 -1.90 -6.96
CA GLY F 94 -0.61 -2.66 -5.77
C GLY F 94 -1.70 -2.09 -4.90
N ARG F 95 -2.25 -0.93 -5.23
CA ARG F 95 -3.33 -0.33 -4.47
C ARG F 95 -4.60 -0.48 -5.29
N THR F 96 -5.25 -1.63 -5.17
CA THR F 96 -6.50 -1.85 -5.87
C THR F 96 -7.55 -0.86 -5.38
N LEU F 97 -8.50 -0.56 -6.23
CA LEU F 97 -9.58 0.36 -5.90
C LEU F 97 -10.91 -0.32 -6.19
N TYR F 98 -11.86 -0.15 -5.27
CA TYR F 98 -13.17 -0.77 -5.42
C TYR F 98 -14.23 0.30 -5.59
N GLY F 99 -15.16 0.07 -6.50
CA GLY F 99 -16.34 0.87 -6.61
C GLY F 99 -16.37 1.85 -7.75
N PHE F 100 -15.23 2.22 -8.30
CA PHE F 100 -15.18 3.16 -9.41
C PHE F 100 -15.08 2.36 -10.69
N GLY F 101 -16.13 2.42 -11.50
CA GLY F 101 -16.14 1.72 -12.76
C GLY F 101 -16.30 0.22 -12.56
N GLY F 102 -15.38 -0.37 -11.81
CA GLY F 102 -15.37 -1.81 -11.62
C GLY F 102 -14.20 -2.44 -12.31
N ALA G 12 15.13 -23.84 -50.97
CA ALA G 12 15.42 -22.67 -50.16
C ALA G 12 15.90 -23.07 -48.78
N LYS G 13 17.13 -22.70 -48.46
CA LYS G 13 17.68 -23.00 -47.14
C LYS G 13 16.94 -22.22 -46.07
N ALA G 14 16.68 -22.89 -44.94
CA ALA G 14 15.96 -22.24 -43.86
C ALA G 14 16.89 -21.32 -43.07
N LYS G 15 16.44 -20.10 -42.86
CA LYS G 15 17.13 -19.12 -42.03
C LYS G 15 16.29 -18.86 -40.80
N THR G 16 16.89 -19.02 -39.63
CA THR G 16 16.16 -18.82 -38.40
C THR G 16 15.70 -17.37 -38.27
N ARG G 17 14.51 -17.19 -37.68
CA ARG G 17 14.01 -15.85 -37.45
C ARG G 17 14.95 -15.06 -36.56
N SER G 18 15.51 -15.72 -35.54
CA SER G 18 16.46 -15.05 -34.66
C SER G 18 17.65 -14.52 -35.43
N SER G 19 18.17 -15.32 -36.38
CA SER G 19 19.33 -14.87 -37.15
C SER G 19 18.93 -13.85 -38.20
N ARG G 20 17.74 -14.01 -38.81
CA ARG G 20 17.28 -13.03 -39.78
C ARG G 20 17.15 -11.65 -39.14
N ALA G 21 16.60 -11.58 -37.93
CA ALA G 21 16.48 -10.32 -37.24
C ALA G 21 17.80 -9.80 -36.71
N GLY G 22 18.87 -10.60 -36.80
CA GLY G 22 20.15 -10.21 -36.26
C GLY G 22 20.32 -10.42 -34.78
N LEU G 23 19.25 -10.79 -34.07
CA LEU G 23 19.31 -10.96 -32.62
C LEU G 23 20.01 -12.27 -32.27
N GLN G 24 20.18 -12.50 -30.97
CA GLN G 24 20.74 -13.74 -30.47
C GLN G 24 19.73 -14.61 -29.74
N PHE G 25 18.77 -14.01 -29.04
CA PHE G 25 17.74 -14.81 -28.39
C PHE G 25 16.82 -15.45 -29.41
N PRO G 26 16.23 -16.60 -29.07
CA PRO G 26 15.45 -17.37 -30.06
C PRO G 26 14.07 -16.75 -30.26
N VAL G 27 13.87 -16.13 -31.43
CA VAL G 27 12.55 -15.62 -31.77
C VAL G 27 11.54 -16.75 -31.78
N GLY G 28 11.91 -17.88 -32.39
CA GLY G 28 10.99 -19.00 -32.47
C GLY G 28 10.60 -19.50 -31.09
N ARG G 29 11.58 -19.79 -30.24
CA ARG G 29 11.27 -20.34 -28.93
C ARG G 29 10.43 -19.37 -28.10
N VAL G 30 10.69 -18.07 -28.23
CA VAL G 30 9.81 -17.08 -27.60
C VAL G 30 8.44 -17.13 -28.23
N HIS G 31 8.38 -17.30 -29.56
CA HIS G 31 7.08 -17.34 -30.23
C HIS G 31 6.26 -18.53 -29.76
N ARG G 32 6.86 -19.73 -29.75
CA ARG G 32 6.12 -20.91 -29.31
C ARG G 32 5.68 -20.76 -27.86
N LEU G 33 6.52 -20.13 -27.02
CA LEU G 33 6.12 -19.89 -25.64
C LEU G 33 4.93 -18.96 -25.56
N LEU G 34 4.92 -17.91 -26.39
CA LEU G 34 3.82 -16.97 -26.35
C LEU G 34 2.50 -17.63 -26.74
N ARG G 35 2.55 -18.56 -27.68
CA ARG G 35 1.33 -19.25 -28.08
C ARG G 35 0.80 -20.13 -26.97
N LYS G 36 1.65 -21.01 -26.43
CA LYS G 36 1.15 -22.06 -25.55
C LYS G 36 0.82 -21.54 -24.17
N GLY G 37 1.36 -20.39 -23.78
CA GLY G 37 1.07 -19.85 -22.46
C GLY G 37 -0.35 -19.39 -22.25
N ASN G 38 -1.16 -19.36 -23.31
CA ASN G 38 -2.55 -18.93 -23.24
C ASN G 38 -2.69 -17.47 -22.85
N TYR G 39 -1.74 -16.64 -23.31
CA TYR G 39 -1.86 -15.20 -23.10
C TYR G 39 -2.98 -14.62 -23.96
N ALA G 40 -3.06 -15.05 -25.22
CA ALA G 40 -4.12 -14.60 -26.11
C ALA G 40 -4.35 -15.66 -27.17
N GLU G 41 -5.50 -15.56 -27.83
CA GLU G 41 -5.83 -16.53 -28.88
C GLU G 41 -4.83 -16.48 -30.02
N ARG G 42 -4.43 -15.28 -30.43
CA ARG G 42 -3.51 -15.10 -31.54
C ARG G 42 -2.35 -14.22 -31.12
N VAL G 43 -1.18 -14.49 -31.68
CA VAL G 43 0.02 -13.68 -31.46
C VAL G 43 0.48 -13.16 -32.82
N GLY G 44 0.63 -11.85 -32.91
CA GLY G 44 1.07 -11.26 -34.16
C GLY G 44 2.45 -11.73 -34.57
N ALA G 45 2.75 -11.57 -35.85
CA ALA G 45 4.05 -11.96 -36.37
C ALA G 45 5.17 -11.15 -35.73
N GLY G 46 4.95 -9.84 -35.59
CA GLY G 46 5.97 -8.98 -35.05
C GLY G 46 6.06 -8.96 -33.53
N ALA G 47 5.13 -9.60 -32.84
CA ALA G 47 5.15 -9.58 -31.38
C ALA G 47 6.40 -10.23 -30.79
N PRO G 48 6.79 -11.46 -31.17
CA PRO G 48 7.92 -12.09 -30.48
C PRO G 48 9.26 -11.44 -30.80
N VAL G 49 9.51 -11.09 -32.07
CA VAL G 49 10.77 -10.45 -32.42
C VAL G 49 10.98 -9.21 -31.57
N TYR G 50 9.92 -8.45 -31.31
CA TYR G 50 10.05 -7.30 -30.43
C TYR G 50 10.37 -7.73 -29.02
N LEU G 51 9.74 -8.81 -28.55
CA LEU G 51 9.98 -9.26 -27.18
C LEU G 51 11.36 -9.92 -27.05
N ALA G 52 11.86 -10.52 -28.13
CA ALA G 52 13.21 -11.05 -28.08
C ALA G 52 14.23 -9.94 -27.84
N ALA G 53 14.09 -8.83 -28.57
CA ALA G 53 15.03 -7.73 -28.40
C ALA G 53 14.97 -7.15 -26.99
N VAL G 54 13.76 -6.99 -26.44
CA VAL G 54 13.62 -6.43 -25.09
C VAL G 54 14.24 -7.38 -24.07
N LEU G 55 14.20 -8.68 -24.35
CA LEU G 55 14.86 -9.63 -23.46
C LEU G 55 16.37 -9.52 -23.56
N GLU G 56 16.89 -9.33 -24.78
CA GLU G 56 18.33 -9.18 -24.95
C GLU G 56 18.84 -8.01 -24.14
N TYR G 57 18.26 -6.83 -24.33
CA TYR G 57 18.80 -5.62 -23.71
C TYR G 57 18.77 -5.69 -22.20
N LEU G 58 17.91 -6.52 -21.62
CA LEU G 58 17.90 -6.67 -20.17
C LEU G 58 19.00 -7.61 -19.70
N THR G 59 19.36 -8.59 -20.53
CA THR G 59 20.52 -9.42 -20.24
C THR G 59 21.80 -8.74 -20.71
N ALA G 60 21.72 -8.00 -21.82
CA ALA G 60 22.88 -7.28 -22.31
C ALA G 60 23.28 -6.12 -21.40
N GLU G 61 22.56 -5.89 -20.32
CA GLU G 61 22.95 -4.89 -19.34
C GLU G 61 23.31 -5.48 -17.99
N ILE G 62 22.54 -6.46 -17.51
CA ILE G 62 22.90 -7.11 -16.25
C ILE G 62 24.21 -7.87 -16.41
N LEU G 63 24.38 -8.57 -17.53
CA LEU G 63 25.64 -9.25 -17.76
C LEU G 63 26.77 -8.26 -18.01
N GLU G 64 26.44 -7.04 -18.44
CA GLU G 64 27.46 -6.01 -18.59
C GLU G 64 27.95 -5.54 -17.23
N LEU G 65 27.03 -5.04 -16.39
CA LEU G 65 27.43 -4.56 -15.07
C LEU G 65 28.11 -5.65 -14.26
N ALA G 66 27.57 -6.87 -14.29
CA ALA G 66 28.22 -7.96 -13.60
C ALA G 66 29.58 -8.27 -14.21
N GLY G 67 29.67 -8.20 -15.54
CA GLY G 67 30.95 -8.41 -16.20
C GLY G 67 32.04 -7.51 -15.65
N ASN G 68 31.70 -6.25 -15.38
CA ASN G 68 32.67 -5.34 -14.79
C ASN G 68 32.99 -5.70 -13.35
N ALA G 69 32.02 -6.29 -12.63
CA ALA G 69 32.27 -6.70 -11.26
C ALA G 69 33.38 -7.73 -11.19
N ALA G 70 33.41 -8.65 -12.16
CA ALA G 70 34.48 -9.64 -12.21
C ALA G 70 35.85 -8.98 -12.28
N ARG G 71 36.03 -8.06 -13.22
CA ARG G 71 37.30 -7.37 -13.36
C ARG G 71 37.71 -6.70 -12.06
N ASP G 72 36.86 -5.81 -11.55
CA ASP G 72 37.17 -5.07 -10.34
C ASP G 72 37.32 -5.99 -9.13
N ASN G 73 36.87 -7.24 -9.23
CA ASN G 73 37.07 -8.20 -8.17
C ASN G 73 38.08 -9.30 -8.55
N LYS G 74 38.61 -9.26 -9.77
CA LYS G 74 39.73 -10.07 -10.22
C LYS G 74 39.41 -11.56 -10.26
N LYS G 75 38.15 -11.94 -10.46
CA LYS G 75 37.76 -13.32 -10.67
C LYS G 75 37.05 -13.42 -12.01
N THR G 76 37.68 -14.11 -12.96
CA THR G 76 37.20 -14.09 -14.34
C THR G 76 35.81 -14.69 -14.47
N ARG G 77 35.47 -15.68 -13.65
CA ARG G 77 34.15 -16.29 -13.72
C ARG G 77 33.16 -15.52 -12.85
N ILE G 78 31.99 -15.27 -13.42
CA ILE G 78 30.93 -14.53 -12.72
C ILE G 78 30.19 -15.47 -11.78
N ILE G 79 30.24 -15.20 -10.49
CA ILE G 79 29.56 -16.03 -9.50
C ILE G 79 28.37 -15.24 -8.97
N PRO G 80 27.33 -15.90 -8.48
CA PRO G 80 26.06 -15.20 -8.18
C PRO G 80 26.21 -13.91 -7.37
N ARG G 81 27.27 -13.75 -6.58
CA ARG G 81 27.46 -12.48 -5.92
C ARG G 81 27.70 -11.36 -6.92
N HIS G 82 28.39 -11.65 -8.02
CA HIS G 82 28.64 -10.62 -9.02
C HIS G 82 27.34 -10.17 -9.68
N LEU G 83 26.29 -10.96 -9.60
CA LEU G 83 24.98 -10.47 -9.98
C LEU G 83 24.44 -9.51 -8.92
N GLN G 84 24.47 -9.92 -7.66
CA GLN G 84 23.93 -9.12 -6.57
C GLN G 84 24.62 -7.78 -6.45
N LEU G 85 25.84 -7.64 -6.97
CA LEU G 85 26.50 -6.34 -6.99
C LEU G 85 26.18 -5.54 -8.25
N ALA G 86 25.77 -6.22 -9.32
CA ALA G 86 25.45 -5.50 -10.54
C ALA G 86 24.08 -4.82 -10.45
N VAL G 87 23.15 -5.41 -9.70
CA VAL G 87 21.79 -4.89 -9.64
C VAL G 87 21.59 -3.97 -8.44
N ARG G 88 22.13 -4.31 -7.27
CA ARG G 88 21.90 -3.47 -6.11
C ARG G 88 22.69 -2.18 -6.17
N ASN G 89 23.75 -2.14 -6.97
CA ASN G 89 24.45 -0.87 -7.18
C ASN G 89 23.61 0.07 -8.04
N ASP G 90 23.03 -0.46 -9.12
CA ASP G 90 22.35 0.36 -10.11
C ASP G 90 20.90 0.57 -9.69
N GLU G 91 20.51 1.83 -9.49
CA GLU G 91 19.14 2.13 -9.11
C GLU G 91 18.17 1.82 -10.24
N GLU G 92 18.53 2.19 -11.47
CA GLU G 92 17.60 2.01 -12.60
C GLU G 92 17.22 0.54 -12.78
N LEU G 93 18.05 -0.37 -12.30
CA LEU G 93 17.73 -1.80 -12.33
C LEU G 93 17.10 -2.28 -11.03
N ASN G 94 17.54 -1.74 -9.90
CA ASN G 94 17.07 -2.23 -8.60
C ASN G 94 15.56 -2.20 -8.52
N LYS G 95 14.93 -1.14 -9.03
CA LYS G 95 13.48 -1.05 -8.93
C LYS G 95 12.80 -2.12 -9.77
N LEU G 96 13.43 -2.55 -10.86
CA LEU G 96 12.90 -3.69 -11.61
C LEU G 96 13.01 -4.97 -10.81
N LEU G 97 13.99 -5.07 -9.92
CA LEU G 97 14.26 -6.26 -9.13
C LEU G 97 14.00 -5.99 -7.64
N GLY G 98 12.95 -5.23 -7.35
CA GLY G 98 12.71 -4.83 -5.97
C GLY G 98 12.44 -6.01 -5.06
N ARG G 99 11.40 -6.78 -5.37
CA ARG G 99 10.97 -7.84 -4.46
C ARG G 99 11.85 -9.08 -4.54
N VAL G 100 12.49 -9.33 -5.69
CA VAL G 100 13.16 -10.60 -5.92
C VAL G 100 14.38 -10.74 -5.03
N THR G 101 14.58 -11.94 -4.51
CA THR G 101 15.79 -12.32 -3.81
C THR G 101 16.70 -13.06 -4.76
N ILE G 102 18.01 -12.87 -4.63
CA ILE G 102 19.00 -13.68 -5.32
C ILE G 102 19.67 -14.59 -4.31
N ALA G 103 19.60 -15.90 -4.55
CA ALA G 103 20.31 -16.83 -3.69
C ALA G 103 21.81 -16.63 -3.81
N GLN G 104 22.52 -16.88 -2.72
CA GLN G 104 23.98 -16.76 -2.69
C GLN G 104 24.44 -15.38 -3.11
N GLY G 105 23.68 -14.35 -2.77
CA GLY G 105 23.99 -13.01 -3.23
C GLY G 105 24.56 -12.11 -2.16
N GLY G 106 24.31 -12.43 -0.90
CA GLY G 106 24.80 -11.52 0.12
C GLY G 106 24.03 -10.21 0.08
N VAL G 107 24.66 -9.19 0.66
CA VAL G 107 24.08 -7.85 0.70
C VAL G 107 25.15 -6.84 0.37
N LEU G 108 24.73 -5.72 -0.21
CA LEU G 108 25.66 -4.62 -0.43
C LEU G 108 26.23 -4.17 0.92
N PRO G 109 27.54 -3.92 0.99
CA PRO G 109 28.15 -3.60 2.30
C PRO G 109 27.96 -2.13 2.65
N ASN G 110 27.26 -1.87 3.74
CA ASN G 110 27.16 -0.51 4.26
C ASN G 110 26.83 -0.57 5.75
N ILE G 111 27.15 0.52 6.44
CA ILE G 111 26.90 0.67 7.86
C ILE G 111 26.50 2.11 8.12
N GLN G 112 25.43 2.29 8.90
CA GLN G 112 24.92 3.61 9.16
C GLN G 112 25.96 4.46 9.88
N SER G 113 25.82 5.78 9.77
CA SER G 113 26.85 6.68 10.28
C SER G 113 26.89 6.65 11.80
N VAL G 114 25.74 6.51 12.46
CA VAL G 114 25.71 6.53 13.92
C VAL G 114 26.47 5.35 14.50
N LEU G 115 26.43 4.21 13.81
CA LEU G 115 27.12 3.03 14.32
C LEU G 115 28.63 3.23 14.33
N LEU G 116 29.18 3.74 13.25
CA LEU G 116 30.63 3.87 13.13
C LEU G 116 31.17 4.75 14.24
N PRO G 117 32.23 4.32 14.95
CA PRO G 117 32.86 5.09 16.04
C PRO G 117 33.39 6.45 15.60
N SER H 33 15.63 -23.40 -20.97
CA SER H 33 17.09 -23.30 -21.03
C SER H 33 17.51 -22.16 -21.92
N TYR H 34 17.61 -20.98 -21.34
CA TYR H 34 18.02 -19.81 -22.10
C TYR H 34 19.51 -19.69 -21.97
N ALA H 35 20.13 -20.65 -21.30
CA ALA H 35 21.56 -20.55 -21.02
C ALA H 35 22.47 -20.49 -22.23
N ILE H 36 22.22 -21.26 -23.27
CA ILE H 36 23.08 -21.14 -24.43
C ILE H 36 22.95 -19.73 -24.96
N TYR H 37 21.73 -19.23 -24.98
CA TYR H 37 21.52 -17.89 -25.47
C TYR H 37 22.24 -16.85 -24.61
N VAL H 38 22.21 -17.01 -23.30
CA VAL H 38 22.88 -16.06 -22.42
C VAL H 38 24.38 -16.06 -22.64
N TYR H 39 24.96 -17.24 -22.84
CA TYR H 39 26.39 -17.34 -23.03
C TYR H 39 26.76 -16.60 -24.29
N LYS H 40 25.93 -16.72 -25.32
CA LYS H 40 26.27 -16.09 -26.58
C LYS H 40 26.35 -14.59 -26.34
N VAL H 41 25.45 -14.04 -25.54
CA VAL H 41 25.52 -12.62 -25.22
C VAL H 41 26.78 -12.31 -24.43
N LEU H 42 27.03 -13.02 -23.34
CA LEU H 42 28.17 -12.68 -22.50
C LEU H 42 29.48 -12.74 -23.30
N LYS H 43 29.66 -13.79 -24.10
CA LYS H 43 30.87 -13.90 -24.92
C LYS H 43 30.95 -12.77 -25.93
N GLN H 44 29.83 -12.12 -26.23
CA GLN H 44 29.87 -10.93 -27.06
C GLN H 44 30.30 -9.71 -26.26
N VAL H 45 29.58 -9.41 -25.19
CA VAL H 45 29.85 -8.18 -24.43
C VAL H 45 31.19 -8.27 -23.73
N HIS H 46 31.58 -9.45 -23.26
CA HIS H 46 32.90 -9.68 -22.67
C HIS H 46 33.54 -10.90 -23.31
N PRO H 47 34.47 -10.71 -24.25
CA PRO H 47 35.05 -11.86 -24.94
C PRO H 47 35.90 -12.76 -24.04
N ASP H 48 36.25 -12.33 -22.83
CA ASP H 48 37.13 -13.10 -21.96
C ASP H 48 36.44 -13.64 -20.73
N THR H 49 35.51 -12.88 -20.15
CA THR H 49 34.87 -13.29 -18.90
C THR H 49 34.05 -14.56 -19.09
N GLY H 50 34.03 -15.40 -18.07
CA GLY H 50 33.21 -16.58 -18.05
C GLY H 50 32.07 -16.46 -17.04
N ILE H 51 31.20 -17.45 -17.06
CA ILE H 51 29.99 -17.45 -16.24
C ILE H 51 29.90 -18.76 -15.49
N SER H 52 29.63 -18.68 -14.18
CA SER H 52 29.51 -19.87 -13.37
C SER H 52 28.18 -20.57 -13.66
N SER H 53 28.16 -21.87 -13.38
CA SER H 53 26.98 -22.69 -13.64
C SER H 53 25.82 -22.36 -12.71
N LYS H 54 26.01 -21.46 -11.76
CA LYS H 54 24.88 -20.98 -10.97
C LYS H 54 24.32 -19.67 -11.51
N ALA H 55 25.17 -18.81 -12.07
CA ALA H 55 24.66 -17.58 -12.68
C ALA H 55 23.71 -17.89 -13.81
N MET H 56 24.08 -18.83 -14.66
CA MET H 56 23.20 -19.21 -15.72
C MET H 56 21.85 -19.48 -15.09
N SER H 57 21.86 -20.17 -13.96
CA SER H 57 20.61 -20.50 -13.29
C SER H 57 19.90 -19.22 -12.88
N ILE H 58 20.64 -18.25 -12.37
CA ILE H 58 20.02 -17.00 -12.02
C ILE H 58 19.39 -16.41 -13.28
N MET H 59 20.13 -16.37 -14.39
CA MET H 59 19.62 -15.73 -15.59
C MET H 59 18.48 -16.54 -16.21
N ASN H 60 18.66 -17.85 -16.34
CA ASN H 60 17.57 -18.69 -16.84
C ASN H 60 16.33 -18.56 -15.96
N SER H 61 16.53 -18.33 -14.67
CA SER H 61 15.40 -18.07 -13.79
C SER H 61 14.97 -16.61 -13.86
N PHE H 62 15.85 -15.73 -14.35
CA PHE H 62 15.56 -14.30 -14.43
C PHE H 62 14.83 -13.94 -15.72
N VAL H 63 15.41 -14.30 -16.86
CA VAL H 63 14.77 -14.01 -18.15
C VAL H 63 13.35 -14.53 -18.16
N ASN H 64 13.14 -15.76 -17.67
CA ASN H 64 11.80 -16.33 -17.63
C ASN H 64 10.86 -15.46 -16.81
N ASP H 65 11.35 -14.87 -15.72
CA ASP H 65 10.48 -14.05 -14.89
C ASP H 65 10.13 -12.73 -15.58
N VAL H 66 11.11 -12.08 -16.20
CA VAL H 66 10.82 -10.86 -16.94
C VAL H 66 9.89 -11.15 -18.11
N PHE H 67 10.16 -12.24 -18.82
CA PHE H 67 9.29 -12.61 -19.94
C PHE H 67 7.87 -12.85 -19.46
N GLU H 68 7.71 -13.51 -18.31
CA GLU H 68 6.38 -13.78 -17.79
C GLU H 68 5.68 -12.47 -17.40
N ARG H 69 6.40 -11.59 -16.71
CA ARG H 69 5.80 -10.31 -16.32
C ARG H 69 5.35 -9.52 -17.54
N ILE H 70 6.21 -9.44 -18.56
CA ILE H 70 5.89 -8.65 -19.74
C ILE H 70 4.73 -9.30 -20.51
N ALA H 71 4.90 -10.56 -20.89
CA ALA H 71 3.86 -11.24 -21.65
C ALA H 71 2.58 -11.37 -20.84
N GLY H 72 2.69 -11.50 -19.52
CA GLY H 72 1.50 -11.49 -18.69
C GLY H 72 0.81 -10.14 -18.70
N GLU H 73 1.57 -9.06 -18.54
CA GLU H 73 1.00 -7.74 -18.63
C GLU H 73 0.45 -7.47 -20.03
N ALA H 74 1.13 -7.99 -21.05
CA ALA H 74 0.64 -7.80 -22.42
C ALA H 74 -0.72 -8.44 -22.61
N SER H 75 -0.93 -9.64 -22.06
CA SER H 75 -2.22 -10.30 -22.19
C SER H 75 -3.31 -9.48 -21.51
N ARG H 76 -3.06 -9.04 -20.27
CA ARG H 76 -4.05 -8.23 -19.58
C ARG H 76 -4.32 -6.93 -20.31
N LEU H 77 -3.30 -6.38 -20.97
CA LEU H 77 -3.48 -5.09 -21.64
C LEU H 77 -4.38 -5.23 -22.86
N ALA H 78 -4.26 -6.34 -23.59
CA ALA H 78 -5.15 -6.55 -24.71
C ALA H 78 -6.58 -6.85 -24.25
N HIS H 79 -6.73 -7.47 -23.09
CA HIS H 79 -8.07 -7.77 -22.59
C HIS H 79 -8.83 -6.51 -22.23
N TYR H 80 -8.17 -5.56 -21.56
CA TYR H 80 -8.82 -4.29 -21.24
C TYR H 80 -9.33 -3.60 -22.49
N ASN H 81 -8.57 -3.65 -23.58
CA ASN H 81 -8.92 -2.93 -24.80
C ASN H 81 -9.74 -3.78 -25.76
N LYS H 82 -10.29 -4.90 -25.30
CA LYS H 82 -11.16 -5.78 -26.08
C LYS H 82 -10.46 -6.38 -27.29
N ARG H 83 -9.17 -6.12 -27.46
CA ARG H 83 -8.43 -6.72 -28.56
C ARG H 83 -8.21 -8.20 -28.32
N SER H 84 -8.26 -8.99 -29.39
CA SER H 84 -8.12 -10.43 -29.25
C SER H 84 -6.66 -10.86 -29.30
N THR H 85 -5.86 -10.26 -30.17
CA THR H 85 -4.53 -10.75 -30.46
C THR H 85 -3.45 -9.83 -29.87
N ILE H 86 -2.46 -10.45 -29.23
CA ILE H 86 -1.26 -9.74 -28.82
C ILE H 86 -0.47 -9.38 -30.06
N THR H 87 -0.04 -8.11 -30.15
CA THR H 87 0.69 -7.69 -31.33
C THR H 87 1.96 -6.94 -30.97
N SER H 88 2.64 -6.40 -31.97
CA SER H 88 3.89 -5.70 -31.73
C SER H 88 3.69 -4.49 -30.83
N ARG H 89 2.56 -3.80 -30.97
CA ARG H 89 2.34 -2.58 -30.19
C ARG H 89 1.97 -2.90 -28.75
N GLU H 90 1.41 -4.09 -28.50
CA GLU H 90 1.02 -4.45 -27.15
C GLU H 90 2.24 -4.65 -26.25
N ILE H 91 3.29 -5.27 -26.78
CA ILE H 91 4.48 -5.53 -25.98
C ILE H 91 5.20 -4.24 -25.64
N GLN H 92 5.31 -3.33 -26.63
CA GLN H 92 5.98 -2.06 -26.39
C GLN H 92 5.33 -1.31 -25.24
N THR H 93 4.01 -1.15 -25.28
CA THR H 93 3.30 -0.51 -24.18
C THR H 93 3.42 -1.32 -22.90
N ALA H 94 3.53 -2.64 -23.00
CA ALA H 94 3.70 -3.46 -21.82
C ALA H 94 5.06 -3.22 -21.18
N VAL H 95 6.06 -2.83 -21.97
CA VAL H 95 7.38 -2.58 -21.42
C VAL H 95 7.39 -1.30 -20.59
N ARG H 96 6.91 -0.20 -21.18
CA ARG H 96 6.99 1.10 -20.52
C ARG H 96 6.30 1.14 -19.17
N LEU H 97 5.47 0.14 -18.86
CA LEU H 97 4.88 0.07 -17.52
C LEU H 97 5.85 -0.56 -16.53
N LEU H 98 6.61 -1.56 -16.97
CA LEU H 98 7.44 -2.34 -16.04
C LEU H 98 8.83 -1.73 -15.86
N LEU H 99 9.56 -1.58 -16.94
CA LEU H 99 10.94 -1.11 -16.86
C LEU H 99 10.95 0.34 -16.38
N PRO H 100 11.74 0.67 -15.35
CA PRO H 100 11.71 2.02 -14.80
C PRO H 100 12.70 2.95 -15.50
N GLY H 101 12.20 4.09 -15.94
CA GLY H 101 13.07 5.19 -16.34
C GLY H 101 13.90 4.88 -17.57
N GLU H 102 15.23 4.99 -17.42
CA GLU H 102 16.13 4.95 -18.57
C GLU H 102 16.00 3.65 -19.34
N LEU H 103 15.70 2.55 -18.65
CA LEU H 103 15.56 1.27 -19.34
C LEU H 103 14.42 1.32 -20.35
N ALA H 104 13.32 1.96 -19.99
CA ALA H 104 12.19 2.06 -20.91
C ALA H 104 12.60 2.77 -22.20
N LYS H 105 13.53 3.71 -22.10
CA LYS H 105 13.95 4.47 -23.28
C LYS H 105 14.73 3.60 -24.25
N HIS H 106 15.72 2.86 -23.74
CA HIS H 106 16.61 2.12 -24.62
C HIS H 106 16.02 0.78 -25.06
N ALA H 107 15.24 0.13 -24.18
CA ALA H 107 14.60 -1.12 -24.57
C ALA H 107 13.70 -0.91 -25.78
N VAL H 108 12.76 0.02 -25.70
CA VAL H 108 11.87 0.27 -26.83
C VAL H 108 12.66 0.82 -28.01
N SER H 109 13.80 1.47 -27.75
CA SER H 109 14.69 1.83 -28.84
C SER H 109 15.34 0.60 -29.45
N GLU H 110 15.58 -0.43 -28.64
CA GLU H 110 16.12 -1.68 -29.17
C GLU H 110 15.05 -2.48 -29.87
N GLY H 111 13.86 -2.57 -29.28
CA GLY H 111 12.81 -3.38 -29.87
C GLY H 111 12.44 -2.93 -31.27
N THR H 112 12.25 -1.63 -31.46
CA THR H 112 11.85 -1.12 -32.76
C THR H 112 12.87 -1.47 -33.83
N LYS H 113 14.16 -1.54 -33.46
CA LYS H 113 15.18 -1.92 -34.43
C LYS H 113 14.96 -3.35 -34.92
N ALA H 114 14.63 -4.26 -34.02
CA ALA H 114 14.46 -5.66 -34.40
C ALA H 114 13.32 -5.83 -35.38
N VAL H 115 12.16 -5.24 -35.08
CA VAL H 115 11.01 -5.38 -35.96
C VAL H 115 11.30 -4.79 -37.33
N THR H 116 11.89 -3.59 -37.36
CA THR H 116 12.22 -2.96 -38.64
C THR H 116 13.26 -3.78 -39.40
N LYS H 117 14.24 -4.34 -38.70
CA LYS H 117 15.22 -5.21 -39.36
C LYS H 117 14.55 -6.48 -39.86
N TYR H 118 13.73 -7.11 -39.03
CA TYR H 118 12.99 -8.31 -39.46
C TYR H 118 12.09 -7.98 -40.64
N THR H 119 11.30 -6.91 -40.53
CA THR H 119 10.41 -6.53 -41.61
C THR H 119 11.17 -6.09 -42.86
N SER H 120 12.45 -5.72 -42.72
CA SER H 120 13.23 -5.36 -43.89
C SER H 120 13.40 -6.53 -44.85
N ALA H 121 13.73 -7.70 -44.31
CA ALA H 121 13.89 -8.90 -45.12
C ALA H 121 12.57 -9.62 -45.30
N ARG K 1 -18.82 6.22 20.43
CA ARG K 1 -19.92 5.38 20.89
C ARG K 1 -21.17 5.61 20.05
N ARG K 2 -21.30 6.82 19.49
CA ARG K 2 -22.47 7.11 18.68
C ARG K 2 -22.46 6.30 17.39
N LYS K 3 -21.27 6.01 16.86
CA LYS K 3 -21.11 5.16 15.69
C LYS K 3 -20.34 3.92 16.13
N ILE K 4 -21.01 2.77 16.13
CA ILE K 4 -20.45 1.54 16.66
C ILE K 4 -20.96 0.34 15.88
N ILE K 5 -20.07 -0.63 15.64
CA ILE K 5 -20.49 -1.95 15.20
C ILE K 5 -20.59 -2.90 16.38
N THR K 6 -19.76 -2.68 17.40
CA THR K 6 -19.66 -3.47 18.63
C THR K 6 -19.20 -4.90 18.39
N SER K 7 -18.98 -5.30 17.13
CA SER K 7 -18.35 -6.58 16.80
C SER K 7 -19.09 -7.75 17.48
N GLU K 8 -20.32 -7.95 17.04
CA GLU K 8 -21.21 -8.92 17.69
C GLU K 8 -20.59 -10.32 17.69
N GLY K 9 -20.38 -10.89 16.50
CA GLY K 9 -19.82 -12.23 16.41
C GLY K 9 -18.87 -12.36 15.25
N ILE K 10 -17.64 -12.79 15.54
CA ILE K 10 -16.56 -12.78 14.56
C ILE K 10 -16.32 -14.15 13.95
N GLU K 11 -16.27 -15.19 14.77
CA GLU K 11 -15.95 -16.52 14.26
C GLU K 11 -17.05 -17.01 13.33
N ARG K 12 -16.64 -17.76 12.31
CA ARG K 12 -17.54 -18.13 11.23
C ARG K 12 -18.70 -18.97 11.72
N SER K 13 -19.88 -18.71 11.16
CA SER K 13 -21.06 -19.54 11.32
C SER K 13 -21.49 -19.97 9.93
N PHE K 14 -21.10 -21.18 9.53
CA PHE K 14 -21.23 -21.59 8.13
C PHE K 14 -22.69 -21.78 7.78
N LYS K 15 -23.27 -20.76 7.15
CA LYS K 15 -24.54 -20.83 6.44
C LYS K 15 -25.59 -21.66 7.19
N ASN K 16 -25.88 -21.26 8.43
CA ASN K 16 -27.00 -21.87 9.13
C ASN K 16 -28.31 -21.61 8.41
N GLU K 17 -28.40 -20.48 7.72
CA GLU K 17 -29.57 -20.19 6.89
C GLU K 17 -29.65 -21.12 5.69
N HIS K 18 -28.50 -21.59 5.20
CA HIS K 18 -28.37 -22.48 4.05
C HIS K 18 -29.34 -22.14 2.91
N ARG L 1 -11.03 54.26 16.15
CA ARG L 1 -11.76 53.32 17.00
C ARG L 1 -11.62 53.67 18.47
N CYS L 2 -11.91 52.72 19.35
CA CYS L 2 -11.89 52.94 20.79
C CYS L 2 -10.87 52.02 21.44
N LEU L 3 -10.46 52.39 22.66
CA LEU L 3 -9.58 51.57 23.48
C LEU L 3 -10.05 51.65 24.91
N ALA L 4 -10.09 50.51 25.60
CA ALA L 4 -10.73 50.40 26.90
C ALA L 4 -9.70 50.12 27.99
N PHE L 5 -9.49 51.10 28.87
CA PHE L 5 -8.58 50.93 29.99
C PHE L 5 -9.16 49.93 30.97
N HIS L 6 -8.67 48.69 30.92
CA HIS L 6 -9.15 47.64 31.81
C HIS L 6 -8.12 47.44 32.91
N GLY L 7 -8.37 48.02 34.08
CA GLY L 7 -7.45 47.96 35.18
C GLY L 7 -6.12 48.61 34.86
N PRO L 8 -5.04 47.83 34.96
CA PRO L 8 -3.71 48.38 34.69
C PRO L 8 -3.53 48.85 33.25
N LEU L 9 -3.76 47.97 32.29
CA LEU L 9 -3.52 48.27 30.88
C LEU L 9 -4.79 48.06 30.07
N MET L 10 -4.92 48.84 29.01
CA MET L 10 -6.07 48.77 28.11
C MET L 10 -5.91 47.61 27.12
N TYR L 11 -6.84 47.51 26.19
CA TYR L 11 -6.81 46.51 25.13
C TYR L 11 -7.47 47.08 23.89
N GLU L 12 -7.37 46.35 22.79
CA GLU L 12 -7.97 46.79 21.54
C GLU L 12 -9.48 46.52 21.53
N ALA L 13 -10.25 47.55 21.20
CA ALA L 13 -11.70 47.44 21.21
C ALA L 13 -12.26 48.08 19.95
N LYS L 14 -13.52 47.80 19.68
CA LYS L 14 -14.22 48.36 18.52
C LYS L 14 -15.57 48.91 18.96
N ILE L 15 -15.91 50.10 18.46
CA ILE L 15 -17.15 50.77 18.82
C ILE L 15 -18.31 49.97 18.21
N LEU L 16 -19.07 49.29 19.06
CA LEU L 16 -20.22 48.53 18.58
C LEU L 16 -21.40 49.44 18.26
N LYS L 17 -21.52 50.56 18.97
CA LYS L 17 -22.63 51.48 18.77
C LYS L 17 -22.18 52.88 19.14
N ILE L 18 -23.03 53.86 18.84
CA ILE L 18 -22.85 55.23 19.26
C ILE L 18 -24.16 55.73 19.85
N TRP L 19 -24.11 56.20 21.10
CA TRP L 19 -25.31 56.50 21.85
C TRP L 19 -25.19 57.86 22.53
N ASP L 20 -26.26 58.64 22.46
CA ASP L 20 -26.37 59.86 23.25
C ASP L 20 -27.12 59.53 24.52
N PRO L 21 -26.45 59.48 25.68
CA PRO L 21 -27.13 59.04 26.91
C PRO L 21 -28.21 59.99 27.37
N SER L 22 -28.08 61.29 27.06
CA SER L 22 -29.16 62.22 27.36
C SER L 22 -30.43 61.83 26.63
N SER L 23 -30.30 61.36 25.38
CA SER L 23 -31.45 60.78 24.69
C SER L 23 -31.90 59.49 25.35
N LYS L 24 -31.00 58.80 26.06
CA LYS L 24 -31.28 57.53 26.72
C LYS L 24 -31.78 56.48 25.73
N MET L 25 -31.34 56.59 24.48
CA MET L 25 -31.72 55.63 23.45
C MET L 25 -30.55 55.49 22.49
N TYR L 26 -30.05 54.27 22.35
CA TYR L 26 -28.78 54.03 21.67
C TYR L 26 -28.98 53.72 20.20
N THR L 27 -27.95 54.03 19.40
CA THR L 27 -27.93 53.76 17.98
C THR L 27 -26.78 52.82 17.67
N SER L 28 -27.10 51.67 17.09
CA SER L 28 -26.13 50.61 16.86
C SER L 28 -26.19 50.13 15.42
N ILE L 29 -25.04 49.71 14.90
CA ILE L 29 -24.97 49.02 13.61
C ILE L 29 -25.32 47.55 13.83
N PRO L 30 -26.46 47.08 13.33
CA PRO L 30 -26.82 45.68 13.53
C PRO L 30 -25.90 44.75 12.74
N ASN L 31 -26.00 43.46 13.07
CA ASN L 31 -25.20 42.46 12.41
C ASN L 31 -25.85 42.03 11.09
N ASP L 32 -25.06 41.39 10.24
CA ASP L 32 -25.53 40.90 8.96
C ASP L 32 -25.91 39.43 9.03
N ALA L 40 -25.34 41.94 3.65
CA ALA L 40 -25.74 43.30 3.35
C ALA L 40 -25.44 44.24 4.50
N THR L 41 -25.11 45.49 4.18
CA THR L 41 -24.84 46.47 5.23
C THR L 41 -26.11 46.78 6.01
N LYS L 42 -26.01 46.69 7.33
CA LYS L 42 -27.14 46.95 8.22
C LYS L 42 -27.04 48.39 8.72
N GLU L 43 -27.94 49.24 8.25
CA GLU L 43 -27.92 50.65 8.63
C GLU L 43 -28.16 50.81 10.12
N ILE L 44 -27.54 51.84 10.70
CA ILE L 44 -27.70 52.12 12.11
C ILE L 44 -29.16 52.42 12.42
N LYS L 45 -29.63 51.94 13.56
CA LYS L 45 -31.00 52.15 14.00
C LYS L 45 -31.00 52.79 15.38
N PRO L 46 -31.76 53.86 15.59
CA PRO L 46 -31.88 54.42 16.95
C PRO L 46 -32.88 53.62 17.77
N GLN L 47 -32.37 52.93 18.80
CA GLN L 47 -33.20 52.09 19.64
C GLN L 47 -33.17 52.57 21.08
N LYS L 48 -34.28 52.35 21.78
CA LYS L 48 -34.36 52.72 23.18
C LYS L 48 -33.41 51.88 24.02
N LEU L 49 -32.78 52.52 25.01
CA LEU L 49 -31.86 51.82 25.90
C LEU L 49 -32.53 50.62 26.53
N GLY L 50 -31.85 49.48 26.46
CA GLY L 50 -32.41 48.25 27.01
C GLY L 50 -32.48 48.31 28.52
N GLU L 51 -33.64 47.96 29.08
CA GLU L 51 -33.76 47.87 30.53
C GLU L 51 -32.86 46.77 31.07
N ASP L 52 -32.80 45.63 30.37
CA ASP L 52 -31.82 44.60 30.70
C ASP L 52 -30.39 45.10 30.53
N GLU L 53 -30.20 46.10 29.67
CA GLU L 53 -28.88 46.67 29.46
C GLU L 53 -28.52 47.62 30.61
N SER L 54 -27.36 47.38 31.23
CA SER L 54 -26.86 48.23 32.30
C SER L 54 -25.73 49.09 31.80
N ILE L 55 -25.71 50.35 32.23
CA ILE L 55 -24.72 51.32 31.80
C ILE L 55 -23.92 51.78 33.01
N PRO L 56 -22.58 51.78 32.89
CA PRO L 56 -21.82 52.36 34.00
C PRO L 56 -21.85 53.87 33.80
N GLU L 57 -21.83 54.63 34.89
CA GLU L 57 -21.95 56.09 34.79
C GLU L 57 -20.91 56.79 33.92
N GLU L 58 -19.67 56.33 33.94
CA GLU L 58 -18.64 57.06 33.20
C GLU L 58 -18.96 57.07 31.73
N ILE L 59 -19.40 55.94 31.22
CA ILE L 59 -19.82 55.90 29.84
C ILE L 59 -21.03 56.81 29.64
N ILE L 60 -21.95 56.81 30.61
CA ILE L 60 -23.21 57.55 30.44
C ILE L 60 -23.24 59.08 30.69
N ASN L 61 -22.33 59.63 31.49
CA ASN L 61 -22.34 61.08 31.66
C ASN L 61 -22.18 61.78 30.32
N GLY L 62 -21.06 61.55 29.63
CA GLY L 62 -20.89 62.00 28.27
C GLY L 62 -21.44 61.00 27.28
N LYS L 63 -21.20 61.27 26.00
CA LYS L 63 -21.70 60.38 24.95
C LYS L 63 -21.22 58.96 25.21
N CYS L 64 -22.16 58.01 25.15
CA CYS L 64 -21.91 56.63 25.53
C CYS L 64 -21.94 55.73 24.32
N PHE L 65 -21.35 54.55 24.48
CA PHE L 65 -21.18 53.62 23.36
C PHE L 65 -20.76 52.27 23.90
N PHE L 66 -21.49 51.23 23.49
CA PHE L 66 -21.08 49.86 23.77
C PHE L 66 -20.00 49.44 22.78
N ILE L 67 -19.08 48.61 23.24
CA ILE L 67 -17.90 48.26 22.46
C ILE L 67 -17.82 46.75 22.31
N HIS L 68 -17.14 46.32 21.26
CA HIS L 68 -16.73 44.92 21.12
C HIS L 68 -15.20 44.86 21.14
N TYR L 69 -14.66 44.08 22.07
CA TYR L 69 -13.22 43.89 22.12
C TYR L 69 -12.77 43.00 20.96
N GLN L 70 -11.62 43.30 20.41
CA GLN L 70 -11.01 42.40 19.45
C GLN L 70 -10.36 41.24 20.19
N GLY L 71 -10.58 40.02 19.69
CA GLY L 71 -10.02 38.84 20.29
C GLY L 71 -10.90 38.16 21.31
N TRP L 72 -11.85 38.88 21.89
CA TRP L 72 -12.76 38.31 22.88
C TRP L 72 -14.11 38.06 22.23
N LYS L 73 -14.76 36.98 22.63
CA LYS L 73 -16.00 36.59 21.98
C LYS L 73 -17.13 37.53 22.39
N SER L 74 -18.09 37.71 21.47
CA SER L 74 -19.19 38.64 21.70
C SER L 74 -19.95 38.30 22.98
N SER L 75 -20.17 37.00 23.24
CA SER L 75 -20.81 36.61 24.48
C SER L 75 -20.00 37.04 25.69
N TRP L 76 -18.68 36.91 25.60
CA TRP L 76 -17.82 37.39 26.68
C TRP L 76 -17.81 38.90 26.76
N ASP L 77 -17.92 39.57 25.61
CA ASP L 77 -17.72 41.01 25.53
C ASP L 77 -18.66 41.77 26.47
N GLU L 78 -18.12 42.80 27.12
CA GLU L 78 -18.83 43.53 28.15
C GLU L 78 -18.63 45.03 27.98
N TRP L 79 -19.18 45.78 28.94
CA TRP L 79 -19.20 47.23 28.93
C TRP L 79 -17.91 47.84 29.48
N VAL L 80 -17.82 49.16 29.32
CA VAL L 80 -16.72 49.97 29.83
C VAL L 80 -17.26 51.33 30.25
N GLY L 81 -16.45 52.03 31.04
CA GLY L 81 -16.67 53.45 31.25
C GLY L 81 -16.05 54.27 30.14
N TYR L 82 -16.25 55.59 30.23
CA TYR L 82 -15.67 56.47 29.22
C TYR L 82 -14.27 56.93 29.60
N ASP L 83 -13.99 57.09 30.90
CA ASP L 83 -12.62 57.35 31.31
C ASP L 83 -11.71 56.22 30.84
N ARG L 84 -12.22 55.00 30.83
CA ARG L 84 -11.49 53.87 30.25
C ARG L 84 -11.24 54.09 28.77
N ILE L 85 -12.09 54.88 28.11
CA ILE L 85 -12.02 55.06 26.67
C ILE L 85 -11.30 56.36 26.33
N ARG L 86 -10.22 56.24 25.59
CA ARG L 86 -9.55 57.41 25.10
C ARG L 86 -9.63 57.10 23.62
N ALA L 87 -9.67 58.11 22.78
CA ALA L 87 -9.86 57.84 21.37
C ALA L 87 -8.66 57.06 20.88
N TYR L 88 -8.90 56.12 19.98
CA TYR L 88 -7.80 55.29 19.51
C TYR L 88 -6.67 56.14 18.97
N ASN L 89 -5.45 55.91 19.46
CA ASN L 89 -4.28 56.65 19.03
C ASN L 89 -3.06 55.75 19.22
N GLU L 90 -2.12 55.86 18.29
CA GLU L 90 -0.87 55.12 18.43
C GLU L 90 -0.17 55.45 19.74
N GLU L 91 -0.30 56.68 20.22
CA GLU L 91 0.23 57.03 21.54
C GLU L 91 -0.52 56.28 22.64
N ASN L 92 -1.83 56.10 22.48
CA ASN L 92 -2.58 55.32 23.46
C ASN L 92 -2.30 53.83 23.33
N ILE L 93 -1.85 53.40 22.15
CA ILE L 93 -1.41 52.01 22.00
C ILE L 93 -0.07 51.80 22.67
N ALA L 94 0.82 52.80 22.57
CA ALA L 94 2.14 52.69 23.20
C ALA L 94 2.02 52.48 24.69
N MET L 95 1.20 53.29 25.37
CA MET L 95 1.09 53.19 26.82
C MET L 95 0.58 51.81 27.24
N LYS L 96 -0.32 51.23 26.45
CA LYS L 96 -0.70 49.84 26.66
C LYS L 96 0.52 48.94 26.59
N LYS L 97 1.36 49.13 25.57
CA LYS L 97 2.53 48.28 25.42
C LYS L 97 3.51 48.49 26.56
N ARG L 98 3.71 49.74 26.99
CA ARG L 98 4.58 49.99 28.14
C ARG L 98 4.06 49.27 29.37
N LEU L 99 2.75 49.37 29.61
CA LEU L 99 2.14 48.57 30.67
C LEU L 99 2.25 47.08 30.37
N ALA L 100 2.06 46.70 29.09
CA ALA L 100 2.22 45.31 28.70
C ALA L 100 3.63 44.82 29.00
N ASN L 101 4.65 45.60 28.61
CA ASN L 101 6.00 45.28 29.02
C ASN L 101 6.13 45.28 30.54
N GLU L 102 5.52 46.28 31.19
CA GLU L 102 5.48 46.28 32.65
C GLU L 102 4.70 45.09 33.19
N ALA L 103 3.75 44.57 32.42
CA ALA L 103 3.06 43.36 32.82
C ALA L 103 3.88 42.12 32.49
N LYS L 104 4.82 42.22 31.54
CA LYS L 104 5.62 41.07 31.15
C LYS L 104 6.48 40.58 32.31
N GLU L 105 7.37 41.45 32.81
CA GLU L 105 8.16 41.07 33.97
C GLU L 105 7.35 41.05 35.26
N ALA L 106 6.12 41.57 35.24
CA ALA L 106 5.25 41.46 36.41
C ALA L 106 5.06 40.00 36.81
N LYS L 107 4.83 39.13 35.82
CA LYS L 107 4.81 37.70 36.08
C LYS L 107 6.20 37.21 36.49
N LYS L 108 7.24 37.79 35.90
CA LYS L 108 8.61 37.40 36.26
C LYS L 108 9.00 37.92 37.63
N SER L 109 8.57 39.13 37.97
CA SER L 109 8.87 39.67 39.30
C SER L 109 8.21 38.85 40.39
N LEU L 110 6.97 38.41 40.16
CA LEU L 110 6.32 37.48 41.09
C LEU L 110 7.08 36.17 41.18
N LEU L 111 7.61 35.70 40.06
CA LEU L 111 8.30 34.40 40.04
C LEU L 111 9.57 34.42 40.88
N GLU L 112 10.10 35.61 41.20
CA GLU L 112 11.24 35.68 42.11
C GLU L 112 10.88 35.15 43.49
N GLN L 113 9.67 35.45 43.95
CA GLN L 113 9.18 34.85 45.19
C GLN L 113 9.04 33.34 45.04
N GLN L 114 8.58 32.89 43.87
CA GLN L 114 8.60 31.47 43.57
C GLN L 114 10.03 30.95 43.44
N LYS L 115 10.92 31.74 42.83
CA LYS L 115 12.35 31.41 42.87
C LYS L 115 12.86 31.35 44.30
N LYS L 116 12.39 32.28 45.14
CA LYS L 116 12.72 32.22 46.57
C LYS L 116 11.99 31.08 47.27
N LYS L 117 10.79 30.73 46.79
CA LYS L 117 10.09 29.58 47.33
C LYS L 117 10.83 28.29 47.02
N LYS L 118 11.18 28.08 45.76
CA LYS L 118 11.99 26.92 45.40
C LYS L 118 13.39 27.03 45.97
N LEU L 119 13.85 28.27 46.17
CA LEU L 119 15.18 28.47 46.72
C LEU L 119 15.27 29.82 47.42
#